data_4BVV
# 
_entry.id   4BVV 
# 
_audit_conform.dict_name       mmcif_pdbx.dic 
_audit_conform.dict_version    5.397 
_audit_conform.dict_location   http://mmcif.pdb.org/dictionaries/ascii/mmcif_pdbx.dic 
# 
loop_
_database_2.database_id 
_database_2.database_code 
_database_2.pdbx_database_accession 
_database_2.pdbx_DOI 
PDB   4BVV         pdb_00004bvv 10.2210/pdb4bvv/pdb 
PDBE  EBI-57471    ?            ?                   
WWPDB D_1290057471 ?            ?                   
# 
loop_
_pdbx_audit_revision_history.ordinal 
_pdbx_audit_revision_history.data_content_type 
_pdbx_audit_revision_history.major_revision 
_pdbx_audit_revision_history.minor_revision 
_pdbx_audit_revision_history.revision_date 
1 'Structure model' 1 0 2014-07-16 
2 'Structure model' 1 1 2023-12-20 
3 'Structure model' 1 2 2024-10-23 
# 
_pdbx_audit_revision_details.ordinal             1 
_pdbx_audit_revision_details.revision_ordinal    1 
_pdbx_audit_revision_details.data_content_type   'Structure model' 
_pdbx_audit_revision_details.provider            repository 
_pdbx_audit_revision_details.type                'Initial release' 
_pdbx_audit_revision_details.description         ? 
_pdbx_audit_revision_details.details             ? 
# 
loop_
_pdbx_audit_revision_group.ordinal 
_pdbx_audit_revision_group.revision_ordinal 
_pdbx_audit_revision_group.data_content_type 
_pdbx_audit_revision_group.group 
1 2 'Structure model' 'Data collection'        
2 2 'Structure model' 'Database references'    
3 2 'Structure model' 'Derived calculations'   
4 2 'Structure model' Other                    
5 2 'Structure model' 'Refinement description' 
6 3 'Structure model' 'Structure summary'      
# 
loop_
_pdbx_audit_revision_category.ordinal 
_pdbx_audit_revision_category.revision_ordinal 
_pdbx_audit_revision_category.data_content_type 
_pdbx_audit_revision_category.category 
1 2 'Structure model' chem_comp_atom                
2 2 'Structure model' chem_comp_bond                
3 2 'Structure model' database_2                    
4 2 'Structure model' pdbx_database_status          
5 2 'Structure model' pdbx_initial_refinement_model 
6 2 'Structure model' struct_site                   
7 3 'Structure model' pdbx_entry_details            
8 3 'Structure model' pdbx_modification_feature     
# 
loop_
_pdbx_audit_revision_item.ordinal 
_pdbx_audit_revision_item.revision_ordinal 
_pdbx_audit_revision_item.data_content_type 
_pdbx_audit_revision_item.item 
1 2 'Structure model' '_database_2.pdbx_DOI'                         
2 2 'Structure model' '_database_2.pdbx_database_accession'          
3 2 'Structure model' '_pdbx_database_status.status_code_sf'         
4 2 'Structure model' '_struct_site.pdbx_auth_asym_id'               
5 2 'Structure model' '_struct_site.pdbx_auth_comp_id'               
6 2 'Structure model' '_struct_site.pdbx_auth_seq_id'                
7 3 'Structure model' '_pdbx_entry_details.has_protein_modification' 
# 
_pdbx_database_status.status_code                     REL 
_pdbx_database_status.entry_id                        4BVV 
_pdbx_database_status.deposit_site                    PDBE 
_pdbx_database_status.process_site                    PDBE 
_pdbx_database_status.SG_entry                        . 
_pdbx_database_status.recvd_initial_deposition_date   2013-06-28 
_pdbx_database_status.pdb_format_compatible           Y 
_pdbx_database_status.status_code_sf                  REL 
_pdbx_database_status.status_code_mr                  ? 
_pdbx_database_status.status_code_cs                  ? 
_pdbx_database_status.methods_development_category    ? 
_pdbx_database_status.status_code_nmr_data            ? 
# 
loop_
_pdbx_database_related.db_name 
_pdbx_database_related.db_id 
_pdbx_database_related.content_type 
_pdbx_database_related.details 
PDB 4BV5 unspecified 'IDENTIFICATION OF SMALL MOLECULE INHIBITORS SELECTIVE FOR APO(A) KRINGLES KIV-7, KIV-10 AND KV.' 
PDB 4BV7 unspecified 'IDENTIFICATION OF SMALL MOLECULE INHIBITORS SELECTIVE FOR APO(A) KRINGLES KIV-7, KIV-10 AND KV.' 
PDB 4BVC unspecified 'IDENTIFICATION OF SMALL MOLECULE INHIBITORS SELECTIVE FOR APO(A) KRINGLES KIV-7, KIV-10 AND KV.' 
PDB 4BVD unspecified 'IDENTIFICATION OF SMALL MOLECULE INHIBITORS SELECTIVE FOR APO(A) KRINGLES KIV-7, KIV-10 AND KV.' 
PDB 4BVW unspecified 'IDENTIFICATION OF SMALL MOLECULE INHIBITORS SELECTIVE FOR APO(A) KRINGLES KIV-7, KIV-10 AND KV.' 
# 
loop_
_audit_author.name 
_audit_author.pdbx_ordinal 
'Sandmark, J.'           1  
'Althage, M.'            2  
'Andersson, G.M.K.'      3  
'Antonsson, T.'          4  
'Blaho, S.'              5  
'Bodin, C.'              6  
'Bostrom, J.'            7  
'Chen, Y.'               8  
'Dahlen, A.'             9  
'Eriksson, P.O.'         10 
'Evertsson, E.'          11 
'Fex, T.'                12 
'Fjellstrom, O.'         13 
'Gustafsson, D.'         14 
'Hallberg, C.'           15 
'Hicks, R.'              16 
'Jarkvist, E.'           17 
'Johansson, C.'          18 
'Kalies, I.'             19 
'Kang, D.'               20 
'Svalstedt Karlsson, B.' 21 
'Kartberg, F.'           22 
'Legnehed, A.'           23 
'Lindqvist, A.M.'        24 
'Martinsson, S.A.'       25 
'Moberg, A.'             26 
'Petersson, A.U.'        27 
'Ridderstrom, M.'        28 
'Thelin, A.'             29 
'Tigerstrom, A.'         30 
'Vinblad, J.'            31 
'Xu, B.'                 32 
'Knecht, W.'             33 
# 
_citation.id                        primary 
_citation.title                     
'Small Molecules Used to Decipher the Pathophysiological Roles of the Kringle Domains Kiv-7, - 10 and Kv of Apolipoprotein(A)' 
_citation.journal_abbrev            'To be Published' 
_citation.journal_volume            ? 
_citation.page_first                ? 
_citation.page_last                 ? 
_citation.year                      ? 
_citation.journal_id_ASTM           ? 
_citation.country                   ? 
_citation.journal_id_ISSN           ? 
_citation.journal_id_CSD            0353 
_citation.book_publisher            ? 
_citation.pdbx_database_id_PubMed   ? 
_citation.pdbx_database_id_DOI      ? 
# 
loop_
_citation_author.citation_id 
_citation_author.name 
_citation_author.ordinal 
_citation_author.identifier_ORCID 
primary 'Sandmark, J.'           1  ? 
primary 'Althage, M.'            2  ? 
primary 'Andersson, G.M.K.'      3  ? 
primary 'Antonsson, T.'          4  ? 
primary 'Blaho, S.'              5  ? 
primary 'Bodin, C.'              6  ? 
primary 'Bostrom, J.'            7  ? 
primary 'Chen, Y.'               8  ? 
primary 'Dahlen, A.'             9  ? 
primary 'Eriksson, P.O.'         10 ? 
primary 'Evertsson, E.'          11 ? 
primary 'Fex, T.'                12 ? 
primary 'Fjellstrom, O.'         13 ? 
primary 'Gustafsson, D.'         14 ? 
primary 'Hallberg, C.'           15 ? 
primary 'Hicks, R.'              16 ? 
primary 'Jarkvist, E.'           17 ? 
primary 'Johansson, C.'          18 ? 
primary 'Kalies, I.'             19 ? 
primary 'Kang, D.'               20 ? 
primary 'Svalstedt Karlsson, B.' 21 ? 
primary 'Kartberg, F.'           22 ? 
primary 'Legnehed, A.'           23 ? 
primary 'Lindqvist, A.M.'        24 ? 
primary 'Martinsson, S.A.'       25 ? 
primary 'Moberg, A.'             26 ? 
primary 'Petersson, A.U.'        27 ? 
primary 'Ridderstrom, M.'        28 ? 
primary 'Thelin, A.'             29 ? 
primary 'Tigerstrom, A.'         30 ? 
primary 'Vinblad, J.'            31 ? 
primary 'Xu, B.'                 32 ? 
primary 'Knecht, W.'             33 ? 
# 
loop_
_entity.id 
_entity.type 
_entity.src_method 
_entity.pdbx_description 
_entity.formula_weight 
_entity.pdbx_number_of_molecules 
_entity.pdbx_ec 
_entity.pdbx_mutation 
_entity.pdbx_fragment 
_entity.details 
1 polymer     man 'APOLIPOPROTEIN(A)'                                                                    9186.375 1  3.4.21.- ? 
'KRINGLE DOMAIN V, RESIDUES 4227-4307' ? 
2 non-polymer syn '1-CYCLOPROPYL-6-FLUORO-4-OXO-7-PIPERAZIN-1-YL-1,4-DIHYDROQUINOLINE-3-CARBOXYLIC ACID' 331.342  1  ?        ? ? 
? 
3 non-polymer syn 'SULFATE ION'                                                                          96.063   1  ?        ? ? 
? 
4 water       nat water                                                                                  18.015   88 ?        ? ? 
? 
# 
_entity_name_com.entity_id   1 
_entity_name_com.name        'APO(A), LP(A)' 
# 
_entity_poly.entity_id                      1 
_entity_poly.type                           'polypeptide(L)' 
_entity_poly.nstd_linkage                   no 
_entity_poly.nstd_monomer                   no 
_entity_poly.pdbx_seq_one_letter_code       
;DCMFGNGKGYRGKKATTVTGTPCQEWAAQEPHRHSTFIPGTNKWAGLEKNYCRNPDGDINGPWCYTMNPRKLFDYCDIPL
C
;
_entity_poly.pdbx_seq_one_letter_code_can   
;DCMFGNGKGYRGKKATTVTGTPCQEWAAQEPHRHSTFIPGTNKWAGLEKNYCRNPDGDINGPWCYTMNPRKLFDYCDIPL
C
;
_entity_poly.pdbx_strand_id                 A 
_entity_poly.pdbx_target_identifier         ? 
# 
loop_
_pdbx_entity_nonpoly.entity_id 
_pdbx_entity_nonpoly.name 
_pdbx_entity_nonpoly.comp_id 
2 '1-CYCLOPROPYL-6-FLUORO-4-OXO-7-PIPERAZIN-1-YL-1,4-DIHYDROQUINOLINE-3-CARBOXYLIC ACID' CPF 
3 'SULFATE ION'                                                                          SO4 
4 water                                                                                  HOH 
# 
loop_
_entity_poly_seq.entity_id 
_entity_poly_seq.num 
_entity_poly_seq.mon_id 
_entity_poly_seq.hetero 
1 1  ASP n 
1 2  CYS n 
1 3  MET n 
1 4  PHE n 
1 5  GLY n 
1 6  ASN n 
1 7  GLY n 
1 8  LYS n 
1 9  GLY n 
1 10 TYR n 
1 11 ARG n 
1 12 GLY n 
1 13 LYS n 
1 14 LYS n 
1 15 ALA n 
1 16 THR n 
1 17 THR n 
1 18 VAL n 
1 19 THR n 
1 20 GLY n 
1 21 THR n 
1 22 PRO n 
1 23 CYS n 
1 24 GLN n 
1 25 GLU n 
1 26 TRP n 
1 27 ALA n 
1 28 ALA n 
1 29 GLN n 
1 30 GLU n 
1 31 PRO n 
1 32 HIS n 
1 33 ARG n 
1 34 HIS n 
1 35 SER n 
1 36 THR n 
1 37 PHE n 
1 38 ILE n 
1 39 PRO n 
1 40 GLY n 
1 41 THR n 
1 42 ASN n 
1 43 LYS n 
1 44 TRP n 
1 45 ALA n 
1 46 GLY n 
1 47 LEU n 
1 48 GLU n 
1 49 LYS n 
1 50 ASN n 
1 51 TYR n 
1 52 CYS n 
1 53 ARG n 
1 54 ASN n 
1 55 PRO n 
1 56 ASP n 
1 57 GLY n 
1 58 ASP n 
1 59 ILE n 
1 60 ASN n 
1 61 GLY n 
1 62 PRO n 
1 63 TRP n 
1 64 CYS n 
1 65 TYR n 
1 66 THR n 
1 67 MET n 
1 68 ASN n 
1 69 PRO n 
1 70 ARG n 
1 71 LYS n 
1 72 LEU n 
1 73 PHE n 
1 74 ASP n 
1 75 TYR n 
1 76 CYS n 
1 77 ASP n 
1 78 ILE n 
1 79 PRO n 
1 80 LEU n 
1 81 CYS n 
# 
_entity_src_gen.entity_id                          1 
_entity_src_gen.pdbx_src_id                        1 
_entity_src_gen.pdbx_alt_source_flag               sample 
_entity_src_gen.pdbx_seq_type                      ? 
_entity_src_gen.pdbx_beg_seq_num                   ? 
_entity_src_gen.pdbx_end_seq_num                   ? 
_entity_src_gen.gene_src_common_name               HUMAN 
_entity_src_gen.gene_src_genus                     ? 
_entity_src_gen.pdbx_gene_src_gene                 ? 
_entity_src_gen.gene_src_species                   ? 
_entity_src_gen.gene_src_strain                    ? 
_entity_src_gen.gene_src_tissue                    ? 
_entity_src_gen.gene_src_tissue_fraction           ? 
_entity_src_gen.gene_src_details                   ? 
_entity_src_gen.pdbx_gene_src_fragment             ? 
_entity_src_gen.pdbx_gene_src_scientific_name      'HOMO SAPIENS' 
_entity_src_gen.pdbx_gene_src_ncbi_taxonomy_id     9606 
_entity_src_gen.pdbx_gene_src_variant              ? 
_entity_src_gen.pdbx_gene_src_cell_line            ? 
_entity_src_gen.pdbx_gene_src_atcc                 ? 
_entity_src_gen.pdbx_gene_src_organ                ? 
_entity_src_gen.pdbx_gene_src_organelle            ? 
_entity_src_gen.pdbx_gene_src_cell                 ? 
_entity_src_gen.pdbx_gene_src_cellular_location    ? 
_entity_src_gen.host_org_common_name               ? 
_entity_src_gen.pdbx_host_org_scientific_name      'KOMAGATAELLA PASTORIS' 
_entity_src_gen.pdbx_host_org_ncbi_taxonomy_id     4922 
_entity_src_gen.host_org_genus                     ? 
_entity_src_gen.pdbx_host_org_gene                 ? 
_entity_src_gen.pdbx_host_org_organ                ? 
_entity_src_gen.host_org_species                   ? 
_entity_src_gen.pdbx_host_org_tissue               ? 
_entity_src_gen.pdbx_host_org_tissue_fraction      ? 
_entity_src_gen.pdbx_host_org_strain               X-33 
_entity_src_gen.pdbx_host_org_variant              ? 
_entity_src_gen.pdbx_host_org_cell_line            ? 
_entity_src_gen.pdbx_host_org_atcc                 ? 
_entity_src_gen.pdbx_host_org_culture_collection   ? 
_entity_src_gen.pdbx_host_org_cell                 ? 
_entity_src_gen.pdbx_host_org_organelle            ? 
_entity_src_gen.pdbx_host_org_cellular_location    ? 
_entity_src_gen.pdbx_host_org_vector_type          PLASMID 
_entity_src_gen.pdbx_host_org_vector               ? 
_entity_src_gen.host_org_details                   ? 
_entity_src_gen.expression_system_id               ? 
_entity_src_gen.plasmid_name                       PPICZALPHAC 
_entity_src_gen.plasmid_details                    ? 
_entity_src_gen.pdbx_description                   ? 
# 
loop_
_chem_comp.id 
_chem_comp.type 
_chem_comp.mon_nstd_flag 
_chem_comp.name 
_chem_comp.pdbx_synonyms 
_chem_comp.formula 
_chem_comp.formula_weight 
ALA 'L-peptide linking' y ALANINE                                                                                ?             
'C3 H7 N O2'      89.093  
ARG 'L-peptide linking' y ARGININE                                                                               ?             
'C6 H15 N4 O2 1'  175.209 
ASN 'L-peptide linking' y ASPARAGINE                                                                             ?             
'C4 H8 N2 O3'     132.118 
ASP 'L-peptide linking' y 'ASPARTIC ACID'                                                                        ?             
'C4 H7 N O4'      133.103 
CPF non-polymer         . '1-CYCLOPROPYL-6-FLUORO-4-OXO-7-PIPERAZIN-1-YL-1,4-DIHYDROQUINOLINE-3-CARBOXYLIC ACID' ciprofloxacin 
'C17 H18 F N3 O3' 331.342 
CYS 'L-peptide linking' y CYSTEINE                                                                               ?             
'C3 H7 N O2 S'    121.158 
GLN 'L-peptide linking' y GLUTAMINE                                                                              ?             
'C5 H10 N2 O3'    146.144 
GLU 'L-peptide linking' y 'GLUTAMIC ACID'                                                                        ?             
'C5 H9 N O4'      147.129 
GLY 'peptide linking'   y GLYCINE                                                                                ?             
'C2 H5 N O2'      75.067  
HIS 'L-peptide linking' y HISTIDINE                                                                              ?             
'C6 H10 N3 O2 1'  156.162 
HOH non-polymer         . WATER                                                                                  ?             
'H2 O'            18.015  
ILE 'L-peptide linking' y ISOLEUCINE                                                                             ?             
'C6 H13 N O2'     131.173 
LEU 'L-peptide linking' y LEUCINE                                                                                ?             
'C6 H13 N O2'     131.173 
LYS 'L-peptide linking' y LYSINE                                                                                 ?             
'C6 H15 N2 O2 1'  147.195 
MET 'L-peptide linking' y METHIONINE                                                                             ?             
'C5 H11 N O2 S'   149.211 
PHE 'L-peptide linking' y PHENYLALANINE                                                                          ?             
'C9 H11 N O2'     165.189 
PRO 'L-peptide linking' y PROLINE                                                                                ?             
'C5 H9 N O2'      115.130 
SER 'L-peptide linking' y SERINE                                                                                 ?             
'C3 H7 N O3'      105.093 
SO4 non-polymer         . 'SULFATE ION'                                                                          ?             
'O4 S -2'         96.063  
THR 'L-peptide linking' y THREONINE                                                                              ?             
'C4 H9 N O3'      119.119 
TRP 'L-peptide linking' y TRYPTOPHAN                                                                             ?             
'C11 H12 N2 O2'   204.225 
TYR 'L-peptide linking' y TYROSINE                                                                               ?             
'C9 H11 N O3'     181.189 
VAL 'L-peptide linking' y VALINE                                                                                 ?             
'C5 H11 N O2'     117.146 
# 
loop_
_pdbx_poly_seq_scheme.asym_id 
_pdbx_poly_seq_scheme.entity_id 
_pdbx_poly_seq_scheme.seq_id 
_pdbx_poly_seq_scheme.mon_id 
_pdbx_poly_seq_scheme.ndb_seq_num 
_pdbx_poly_seq_scheme.pdb_seq_num 
_pdbx_poly_seq_scheme.auth_seq_num 
_pdbx_poly_seq_scheme.pdb_mon_id 
_pdbx_poly_seq_scheme.auth_mon_id 
_pdbx_poly_seq_scheme.pdb_strand_id 
_pdbx_poly_seq_scheme.pdb_ins_code 
_pdbx_poly_seq_scheme.hetero 
A 1 1  ASP 1  0  0  ASP ASP A . n 
A 1 2  CYS 2  1  1  CYS CYS A . n 
A 1 3  MET 3  2  2  MET MET A . n 
A 1 4  PHE 4  3  3  PHE PHE A . n 
A 1 5  GLY 5  4  4  GLY GLY A . n 
A 1 6  ASN 6  5  5  ASN ASN A . n 
A 1 7  GLY 7  6  6  GLY GLY A . n 
A 1 8  LYS 8  7  7  LYS LYS A . n 
A 1 9  GLY 9  8  8  GLY GLY A . n 
A 1 10 TYR 10 9  9  TYR TYR A . n 
A 1 11 ARG 11 10 10 ARG ARG A . n 
A 1 12 GLY 12 11 11 GLY GLY A . n 
A 1 13 LYS 13 12 12 LYS LYS A . n 
A 1 14 LYS 14 13 13 LYS LYS A . n 
A 1 15 ALA 15 14 14 ALA ALA A . n 
A 1 16 THR 16 15 15 THR THR A . n 
A 1 17 THR 17 16 16 THR THR A . n 
A 1 18 VAL 18 17 17 VAL VAL A . n 
A 1 19 THR 19 18 18 THR THR A . n 
A 1 20 GLY 20 19 19 GLY GLY A . n 
A 1 21 THR 21 20 20 THR THR A . n 
A 1 22 PRO 22 21 21 PRO PRO A . n 
A 1 23 CYS 23 22 22 CYS CYS A . n 
A 1 24 GLN 24 23 23 GLN GLN A . n 
A 1 25 GLU 25 24 24 GLU GLU A . n 
A 1 26 TRP 26 25 25 TRP TRP A . n 
A 1 27 ALA 27 26 26 ALA ALA A . n 
A 1 28 ALA 28 27 27 ALA ALA A . n 
A 1 29 GLN 29 28 28 GLN GLN A . n 
A 1 30 GLU 30 29 29 GLU GLU A . n 
A 1 31 PRO 31 30 30 PRO PRO A . n 
A 1 32 HIS 32 31 31 HIS HIS A . n 
A 1 33 ARG 33 32 32 ARG ARG A . n 
A 1 34 HIS 34 33 33 HIS HIS A . n 
A 1 35 SER 35 34 34 SER SER A . n 
A 1 36 THR 36 35 35 THR THR A . n 
A 1 37 PHE 37 36 36 PHE PHE A . n 
A 1 38 ILE 38 37 37 ILE ILE A . n 
A 1 39 PRO 39 38 38 PRO PRO A . n 
A 1 40 GLY 40 39 39 GLY GLY A . n 
A 1 41 THR 41 40 40 THR THR A . n 
A 1 42 ASN 42 41 41 ASN ASN A . n 
A 1 43 LYS 43 42 42 LYS LYS A . n 
A 1 44 TRP 44 43 43 TRP TRP A . n 
A 1 45 ALA 45 44 44 ALA ALA A . n 
A 1 46 GLY 46 45 45 GLY GLY A . n 
A 1 47 LEU 47 46 46 LEU LEU A . n 
A 1 48 GLU 48 47 47 GLU GLU A . n 
A 1 49 LYS 49 48 48 LYS LYS A . n 
A 1 50 ASN 50 49 49 ASN ASN A . n 
A 1 51 TYR 51 50 50 TYR TYR A . n 
A 1 52 CYS 52 51 51 CYS CYS A . n 
A 1 53 ARG 53 52 52 ARG ARG A . n 
A 1 54 ASN 54 53 53 ASN ASN A . n 
A 1 55 PRO 55 54 54 PRO PRO A . n 
A 1 56 ASP 56 55 55 ASP ASP A . n 
A 1 57 GLY 57 56 56 GLY GLY A . n 
A 1 58 ASP 58 57 57 ASP ASP A . n 
A 1 59 ILE 59 58 58 ILE ILE A . n 
A 1 60 ASN 60 59 59 ASN ASN A . n 
A 1 61 GLY 61 60 60 GLY GLY A . n 
A 1 62 PRO 62 61 61 PRO PRO A . n 
A 1 63 TRP 63 62 62 TRP TRP A . n 
A 1 64 CYS 64 63 63 CYS CYS A . n 
A 1 65 TYR 65 64 64 TYR TYR A . n 
A 1 66 THR 66 65 65 THR THR A . n 
A 1 67 MET 67 66 66 MET MET A . n 
A 1 68 ASN 68 67 67 ASN ASN A . n 
A 1 69 PRO 69 68 68 PRO PRO A . n 
A 1 70 ARG 70 69 69 ARG ARG A . n 
A 1 71 LYS 71 70 70 LYS LYS A . n 
A 1 72 LEU 72 71 71 LEU LEU A . n 
A 1 73 PHE 73 72 72 PHE PHE A . n 
A 1 74 ASP 74 73 73 ASP ASP A . n 
A 1 75 TYR 75 74 74 TYR TYR A . n 
A 1 76 CYS 76 75 75 CYS CYS A . n 
A 1 77 ASP 77 76 76 ASP ASP A . n 
A 1 78 ILE 78 77 77 ILE ILE A . n 
A 1 79 PRO 79 78 78 PRO PRO A . n 
A 1 80 LEU 80 79 79 LEU LEU A . n 
A 1 81 CYS 81 80 80 CYS CYS A . n 
# 
loop_
_pdbx_nonpoly_scheme.asym_id 
_pdbx_nonpoly_scheme.entity_id 
_pdbx_nonpoly_scheme.mon_id 
_pdbx_nonpoly_scheme.ndb_seq_num 
_pdbx_nonpoly_scheme.pdb_seq_num 
_pdbx_nonpoly_scheme.auth_seq_num 
_pdbx_nonpoly_scheme.pdb_mon_id 
_pdbx_nonpoly_scheme.auth_mon_id 
_pdbx_nonpoly_scheme.pdb_strand_id 
_pdbx_nonpoly_scheme.pdb_ins_code 
B 2 CPF 1  1081 1081 CPF CPF A . 
C 3 SO4 1  1082 1082 SO4 SO4 A . 
D 4 HOH 1  2001 2001 HOH HOH A . 
D 4 HOH 2  2002 2002 HOH HOH A . 
D 4 HOH 3  2003 2003 HOH HOH A . 
D 4 HOH 4  2004 2004 HOH HOH A . 
D 4 HOH 5  2005 2005 HOH HOH A . 
D 4 HOH 6  2006 2006 HOH HOH A . 
D 4 HOH 7  2007 2007 HOH HOH A . 
D 4 HOH 8  2008 2008 HOH HOH A . 
D 4 HOH 9  2009 2009 HOH HOH A . 
D 4 HOH 10 2010 2010 HOH HOH A . 
D 4 HOH 11 2011 2011 HOH HOH A . 
D 4 HOH 12 2012 2012 HOH HOH A . 
D 4 HOH 13 2013 2013 HOH HOH A . 
D 4 HOH 14 2014 2014 HOH HOH A . 
D 4 HOH 15 2015 2015 HOH HOH A . 
D 4 HOH 16 2016 2016 HOH HOH A . 
D 4 HOH 17 2017 2017 HOH HOH A . 
D 4 HOH 18 2018 2018 HOH HOH A . 
D 4 HOH 19 2019 2019 HOH HOH A . 
D 4 HOH 20 2020 2020 HOH HOH A . 
D 4 HOH 21 2021 2021 HOH HOH A . 
D 4 HOH 22 2022 2022 HOH HOH A . 
D 4 HOH 23 2023 2023 HOH HOH A . 
D 4 HOH 24 2024 2024 HOH HOH A . 
D 4 HOH 25 2025 2025 HOH HOH A . 
D 4 HOH 26 2026 2026 HOH HOH A . 
D 4 HOH 27 2027 2027 HOH HOH A . 
D 4 HOH 28 2028 2028 HOH HOH A . 
D 4 HOH 29 2029 2029 HOH HOH A . 
D 4 HOH 30 2030 2030 HOH HOH A . 
D 4 HOH 31 2031 2031 HOH HOH A . 
D 4 HOH 32 2032 2032 HOH HOH A . 
D 4 HOH 33 2033 2033 HOH HOH A . 
D 4 HOH 34 2034 2034 HOH HOH A . 
D 4 HOH 35 2035 2035 HOH HOH A . 
D 4 HOH 36 2036 2036 HOH HOH A . 
D 4 HOH 37 2037 2037 HOH HOH A . 
D 4 HOH 38 2038 2038 HOH HOH A . 
D 4 HOH 39 2039 2039 HOH HOH A . 
D 4 HOH 40 2040 2040 HOH HOH A . 
D 4 HOH 41 2041 2041 HOH HOH A . 
D 4 HOH 42 2042 2042 HOH HOH A . 
D 4 HOH 43 2043 2043 HOH HOH A . 
D 4 HOH 44 2044 2044 HOH HOH A . 
D 4 HOH 45 2045 2045 HOH HOH A . 
D 4 HOH 46 2046 2046 HOH HOH A . 
D 4 HOH 47 2047 2047 HOH HOH A . 
D 4 HOH 48 2048 2048 HOH HOH A . 
D 4 HOH 49 2049 2049 HOH HOH A . 
D 4 HOH 50 2050 2050 HOH HOH A . 
D 4 HOH 51 2051 2051 HOH HOH A . 
D 4 HOH 52 2052 2052 HOH HOH A . 
D 4 HOH 53 2053 2053 HOH HOH A . 
D 4 HOH 54 2054 2054 HOH HOH A . 
D 4 HOH 55 2055 2055 HOH HOH A . 
D 4 HOH 56 2056 2056 HOH HOH A . 
D 4 HOH 57 2057 2057 HOH HOH A . 
D 4 HOH 58 2058 2058 HOH HOH A . 
D 4 HOH 59 2059 2059 HOH HOH A . 
D 4 HOH 60 2060 2060 HOH HOH A . 
D 4 HOH 61 2061 2061 HOH HOH A . 
D 4 HOH 62 2062 2062 HOH HOH A . 
D 4 HOH 63 2063 2063 HOH HOH A . 
D 4 HOH 64 2064 2064 HOH HOH A . 
D 4 HOH 65 2065 2065 HOH HOH A . 
D 4 HOH 66 2066 2066 HOH HOH A . 
D 4 HOH 67 2067 2067 HOH HOH A . 
D 4 HOH 68 2068 2068 HOH HOH A . 
D 4 HOH 69 2069 2069 HOH HOH A . 
D 4 HOH 70 2070 2070 HOH HOH A . 
D 4 HOH 71 2071 2071 HOH HOH A . 
D 4 HOH 72 2072 2072 HOH HOH A . 
D 4 HOH 73 2073 2073 HOH HOH A . 
D 4 HOH 74 2074 2074 HOH HOH A . 
D 4 HOH 75 2075 2075 HOH HOH A . 
D 4 HOH 76 2076 2076 HOH HOH A . 
D 4 HOH 77 2077 2077 HOH HOH A . 
D 4 HOH 78 2078 2078 HOH HOH A . 
D 4 HOH 79 2079 2079 HOH HOH A . 
D 4 HOH 80 2080 2080 HOH HOH A . 
D 4 HOH 81 2081 2081 HOH HOH A . 
D 4 HOH 82 2082 2082 HOH HOH A . 
D 4 HOH 83 2083 2083 HOH HOH A . 
D 4 HOH 84 2084 2084 HOH HOH A . 
D 4 HOH 85 2085 2085 HOH HOH A . 
D 4 HOH 86 2086 2086 HOH HOH A . 
D 4 HOH 87 2087 2087 HOH HOH A . 
D 4 HOH 88 2088 2088 HOH HOH A . 
# 
loop_
_software.name 
_software.classification 
_software.version 
_software.citation_id 
_software.pdbx_ordinal 
REFMAC refinement       5.7.0029 ? 1 
MOSFLM 'data reduction' .        ? 2 
SCALA  'data scaling'   .        ? 3 
PHASER phasing          .        ? 4 
# 
_cell.entry_id           4BVV 
_cell.length_a           31.560 
_cell.length_b           46.960 
_cell.length_c           48.830 
_cell.angle_alpha        90.00 
_cell.angle_beta         90.00 
_cell.angle_gamma        90.00 
_cell.Z_PDB              4 
_cell.pdbx_unique_axis   ? 
# 
_symmetry.entry_id                         4BVV 
_symmetry.space_group_name_H-M             'P 21 21 21' 
_symmetry.pdbx_full_space_group_name_H-M   ? 
_symmetry.cell_setting                     ? 
_symmetry.Int_Tables_number                19 
# 
_exptl.entry_id          4BVV 
_exptl.method            'X-RAY DIFFRACTION' 
_exptl.crystals_number   1 
# 
_exptl_crystal.id                    1 
_exptl_crystal.density_meas          ? 
_exptl_crystal.density_Matthews      2 
_exptl_crystal.density_percent_sol   39 
_exptl_crystal.description           NONE 
# 
_exptl_crystal_grow.crystal_id      1 
_exptl_crystal_grow.method          ? 
_exptl_crystal_grow.temp            ? 
_exptl_crystal_grow.temp_details    ? 
_exptl_crystal_grow.pH              ? 
_exptl_crystal_grow.pdbx_pH_range   ? 
_exptl_crystal_grow.pdbx_details    '30% PEG8000, 0.2M (NH4)2SO4' 
# 
_diffrn.id                     1 
_diffrn.ambient_temp           100 
_diffrn.ambient_temp_details   ? 
_diffrn.crystal_id             1 
# 
_diffrn_detector.diffrn_id              1 
_diffrn_detector.detector               CCD 
_diffrn_detector.type                   'ADSC CCD' 
_diffrn_detector.pdbx_collection_date   2011-04-18 
_diffrn_detector.details                ? 
# 
_diffrn_radiation.diffrn_id                        1 
_diffrn_radiation.wavelength_id                    1 
_diffrn_radiation.pdbx_monochromatic_or_laue_m_l   M 
_diffrn_radiation.monochromator                    ? 
_diffrn_radiation.pdbx_diffrn_protocol             'SINGLE WAVELENGTH' 
_diffrn_radiation.pdbx_scattering_type             x-ray 
# 
_diffrn_radiation_wavelength.id           1 
_diffrn_radiation_wavelength.wavelength   0.873 
_diffrn_radiation_wavelength.wt           1.0 
# 
_diffrn_source.diffrn_id                   1 
_diffrn_source.source                      SYNCHROTRON 
_diffrn_source.type                        'ESRF BEAMLINE ID23-2' 
_diffrn_source.pdbx_synchrotron_site       ESRF 
_diffrn_source.pdbx_synchrotron_beamline   ID23-2 
_diffrn_source.pdbx_wavelength             0.873 
_diffrn_source.pdbx_wavelength_list        ? 
# 
_reflns.pdbx_diffrn_id               1 
_reflns.pdbx_ordinal                 1 
_reflns.entry_id                     4BVV 
_reflns.observed_criterion_sigma_I   2.0 
_reflns.observed_criterion_sigma_F   ? 
_reflns.d_resolution_low             32.00 
_reflns.d_resolution_high            1.80 
_reflns.number_obs                   7169 
_reflns.number_all                   ? 
_reflns.percent_possible_obs         100.0 
_reflns.pdbx_Rmerge_I_obs            0.26 
_reflns.pdbx_Rsym_value              ? 
_reflns.pdbx_netI_over_sigmaI        3.80 
_reflns.B_iso_Wilson_estimate        ? 
_reflns.pdbx_redundancy              4.3 
# 
_reflns_shell.pdbx_diffrn_id         1 
_reflns_shell.pdbx_ordinal           1 
_reflns_shell.d_res_high             1.80 
_reflns_shell.d_res_low              1.84 
_reflns_shell.percent_possible_all   100.0 
_reflns_shell.Rmerge_I_obs           0.59 
_reflns_shell.pdbx_Rsym_value        ? 
_reflns_shell.meanI_over_sigI_obs    1.90 
_reflns_shell.pdbx_redundancy        4.4 
# 
_refine.pdbx_refine_id                           'X-RAY DIFFRACTION' 
_refine.entry_id                                 4BVV 
_refine.pdbx_diffrn_id                           1 
_refine.pdbx_TLS_residual_ADP_flag               ? 
_refine.ls_number_reflns_obs                     6639 
_refine.ls_number_reflns_all                     ? 
_refine.pdbx_ls_sigma_I                          ? 
_refine.pdbx_ls_sigma_F                          . 
_refine.pdbx_data_cutoff_high_absF               ? 
_refine.pdbx_data_cutoff_low_absF                ? 
_refine.pdbx_data_cutoff_high_rms_absF           ? 
_refine.ls_d_res_low                             26.52 
_refine.ls_d_res_high                            1.80 
_refine.ls_percent_reflns_obs                    97.59 
_refine.ls_R_factor_obs                          0.19953 
_refine.ls_R_factor_all                          ? 
_refine.ls_R_factor_R_work                       0.19801 
_refine.ls_R_factor_R_free                       0.23070 
_refine.ls_R_factor_R_free_error                 ? 
_refine.ls_R_factor_R_free_error_details         ? 
_refine.ls_percent_reflns_R_free                 4.7 
_refine.ls_number_reflns_R_free                  328 
_refine.ls_number_parameters                     ? 
_refine.ls_number_restraints                     ? 
_refine.occupancy_min                            ? 
_refine.occupancy_max                            ? 
_refine.correlation_coeff_Fo_to_Fc               0.935 
_refine.correlation_coeff_Fo_to_Fc_free          0.907 
_refine.B_iso_mean                               12.149 
_refine.aniso_B[1][1]                            -0.78 
_refine.aniso_B[2][2]                            0.81 
_refine.aniso_B[3][3]                            -0.02 
_refine.aniso_B[1][2]                            0.00 
_refine.aniso_B[1][3]                            0.00 
_refine.aniso_B[2][3]                            0.00 
_refine.solvent_model_details                    MASK 
_refine.solvent_model_param_ksol                 ? 
_refine.solvent_model_param_bsol                 ? 
_refine.pdbx_solvent_vdw_probe_radii             1.20 
_refine.pdbx_solvent_ion_probe_radii             0.80 
_refine.pdbx_solvent_shrinkage_radii             0.80 
_refine.pdbx_ls_cross_valid_method               THROUGHOUT 
_refine.details                                  'HYDROGENS HAVE BEEN ADDED IN THE RIDING POSITIONS.' 
_refine.pdbx_starting_model                      'PDB ENTRY 5HPG' 
_refine.pdbx_method_to_determine_struct          'MOLECULAR REPLACEMENT' 
_refine.pdbx_isotropic_thermal_model             ? 
_refine.pdbx_stereochemistry_target_values       'MAXIMUM LIKELIHOOD' 
_refine.pdbx_stereochem_target_val_spec_case     ? 
_refine.pdbx_R_Free_selection_details            RANDOM 
_refine.pdbx_overall_ESU_R                       0.167 
_refine.pdbx_overall_ESU_R_Free                  0.144 
_refine.overall_SU_ML                            0.095 
_refine.pdbx_overall_phase_error                 ? 
_refine.overall_SU_B                             3.080 
_refine.overall_SU_R_Cruickshank_DPI             ? 
_refine.pdbx_overall_SU_R_free_Cruickshank_DPI   ? 
_refine.pdbx_overall_SU_R_Blow_DPI               ? 
_refine.pdbx_overall_SU_R_free_Blow_DPI          ? 
# 
_refine_hist.pdbx_refine_id                   'X-RAY DIFFRACTION' 
_refine_hist.cycle_id                         LAST 
_refine_hist.pdbx_number_atoms_protein        641 
_refine_hist.pdbx_number_atoms_nucleic_acid   0 
_refine_hist.pdbx_number_atoms_ligand         29 
_refine_hist.number_atoms_solvent             88 
_refine_hist.number_atoms_total               758 
_refine_hist.d_res_high                       1.80 
_refine_hist.d_res_low                        26.52 
# 
loop_
_refine_ls_restr.type 
_refine_ls_restr.dev_ideal 
_refine_ls_restr.dev_ideal_target 
_refine_ls_restr.weight 
_refine_ls_restr.number 
_refine_ls_restr.pdbx_refine_id 
_refine_ls_restr.pdbx_restraint_function 
r_bond_refined_d             0.010  0.020  ? 696 'X-RAY DIFFRACTION' ? 
r_bond_other_d               ?      ?      ? ?   'X-RAY DIFFRACTION' ? 
r_angle_refined_deg          1.200  1.982  ? 950 'X-RAY DIFFRACTION' ? 
r_angle_other_deg            ?      ?      ? ?   'X-RAY DIFFRACTION' ? 
r_dihedral_angle_1_deg       5.441  5.000  ? 80  'X-RAY DIFFRACTION' ? 
r_dihedral_angle_2_deg       20.646 23.750 ? 32  'X-RAY DIFFRACTION' ? 
r_dihedral_angle_3_deg       15.799 15.000 ? 102 'X-RAY DIFFRACTION' ? 
r_dihedral_angle_4_deg       8.304  15.000 ? 4   'X-RAY DIFFRACTION' ? 
r_chiral_restr               0.076  0.200  ? 88  'X-RAY DIFFRACTION' ? 
r_gen_planes_refined         0.005  0.022  ? 555 'X-RAY DIFFRACTION' ? 
r_gen_planes_other           ?      ?      ? ?   'X-RAY DIFFRACTION' ? 
r_nbd_refined                ?      ?      ? ?   'X-RAY DIFFRACTION' ? 
r_nbd_other                  ?      ?      ? ?   'X-RAY DIFFRACTION' ? 
r_nbtor_refined              ?      ?      ? ?   'X-RAY DIFFRACTION' ? 
r_nbtor_other                ?      ?      ? ?   'X-RAY DIFFRACTION' ? 
r_xyhbond_nbd_refined        ?      ?      ? ?   'X-RAY DIFFRACTION' ? 
r_xyhbond_nbd_other          ?      ?      ? ?   'X-RAY DIFFRACTION' ? 
r_metal_ion_refined          ?      ?      ? ?   'X-RAY DIFFRACTION' ? 
r_metal_ion_other            ?      ?      ? ?   'X-RAY DIFFRACTION' ? 
r_symmetry_vdw_refined       ?      ?      ? ?   'X-RAY DIFFRACTION' ? 
r_symmetry_vdw_other         ?      ?      ? ?   'X-RAY DIFFRACTION' ? 
r_symmetry_hbond_refined     ?      ?      ? ?   'X-RAY DIFFRACTION' ? 
r_symmetry_hbond_other       ?      ?      ? ?   'X-RAY DIFFRACTION' ? 
r_symmetry_metal_ion_refined ?      ?      ? ?   'X-RAY DIFFRACTION' ? 
r_symmetry_metal_ion_other   ?      ?      ? ?   'X-RAY DIFFRACTION' ? 
r_mcbond_it                  ?      ?      ? ?   'X-RAY DIFFRACTION' ? 
r_mcbond_other               ?      ?      ? ?   'X-RAY DIFFRACTION' ? 
r_mcangle_it                 ?      ?      ? ?   'X-RAY DIFFRACTION' ? 
r_mcangle_other              ?      ?      ? ?   'X-RAY DIFFRACTION' ? 
r_scbond_it                  ?      ?      ? ?   'X-RAY DIFFRACTION' ? 
r_scbond_other               ?      ?      ? ?   'X-RAY DIFFRACTION' ? 
r_scangle_it                 ?      ?      ? ?   'X-RAY DIFFRACTION' ? 
r_scangle_other              ?      ?      ? ?   'X-RAY DIFFRACTION' ? 
r_long_range_B_refined       ?      ?      ? ?   'X-RAY DIFFRACTION' ? 
r_long_range_B_other         ?      ?      ? ?   'X-RAY DIFFRACTION' ? 
r_rigid_bond_restr           ?      ?      ? ?   'X-RAY DIFFRACTION' ? 
r_sphericity_free            ?      ?      ? ?   'X-RAY DIFFRACTION' ? 
r_sphericity_bonded          ?      ?      ? ?   'X-RAY DIFFRACTION' ? 
# 
_refine_ls_shell.pdbx_refine_id                   'X-RAY DIFFRACTION' 
_refine_ls_shell.pdbx_total_number_of_bins_used   20 
_refine_ls_shell.d_res_high                       1.800 
_refine_ls_shell.d_res_low                        1.847 
_refine_ls_shell.number_reflns_R_work             454 
_refine_ls_shell.R_factor_R_work                  0.274 
_refine_ls_shell.percent_reflns_obs               91.17 
_refine_ls_shell.R_factor_R_free                  0.240 
_refine_ls_shell.R_factor_R_free_error            ? 
_refine_ls_shell.percent_reflns_R_free            ? 
_refine_ls_shell.number_reflns_R_free             21 
_refine_ls_shell.number_reflns_all                ? 
_refine_ls_shell.R_factor_all                     ? 
# 
_struct.entry_id                  4BVV 
_struct.title                     'Identification of small molecule inhibitors selective for apo(a) kringles KIV-7, KIV-10 and KV.' 
_struct.pdbx_model_details        ? 
_struct.pdbx_CASP_flag            ? 
_struct.pdbx_model_type_details   ? 
# 
_struct_keywords.entry_id        4BVV 
_struct_keywords.pdbx_keywords   HYDROLASE 
_struct_keywords.text            'HYDROLASE, CARDIOVASCULAR DISEASE, DRUG DISCOVERY, OPTICAL BIOSENSORS' 
# 
loop_
_struct_asym.id 
_struct_asym.pdbx_blank_PDB_chainid_flag 
_struct_asym.pdbx_modified 
_struct_asym.entity_id 
_struct_asym.details 
A N N 1 ? 
B N N 2 ? 
C N N 3 ? 
D N N 4 ? 
# 
_struct_ref.id                         1 
_struct_ref.db_name                    UNP 
_struct_ref.db_code                    APOA_HUMAN 
_struct_ref.entity_id                  1 
_struct_ref.pdbx_seq_one_letter_code   ? 
_struct_ref.pdbx_align_begin           ? 
_struct_ref.pdbx_db_accession          P08519 
_struct_ref.pdbx_db_isoform            ? 
# 
_struct_ref_seq.align_id                      1 
_struct_ref_seq.ref_id                        1 
_struct_ref_seq.pdbx_PDB_id_code              4BVV 
_struct_ref_seq.pdbx_strand_id                A 
_struct_ref_seq.seq_align_beg                 1 
_struct_ref_seq.pdbx_seq_align_beg_ins_code   ? 
_struct_ref_seq.seq_align_end                 81 
_struct_ref_seq.pdbx_seq_align_end_ins_code   ? 
_struct_ref_seq.pdbx_db_accession             P08519 
_struct_ref_seq.db_align_beg                  4227 
_struct_ref_seq.pdbx_db_align_beg_ins_code    ? 
_struct_ref_seq.db_align_end                  4307 
_struct_ref_seq.pdbx_db_align_end_ins_code    ? 
_struct_ref_seq.pdbx_auth_seq_align_beg       0 
_struct_ref_seq.pdbx_auth_seq_align_end       80 
# 
_pdbx_struct_assembly.id                   1 
_pdbx_struct_assembly.details              author_and_software_defined_assembly 
_pdbx_struct_assembly.method_details       PISA 
_pdbx_struct_assembly.oligomeric_details   monomeric 
_pdbx_struct_assembly.oligomeric_count     1 
# 
_pdbx_struct_assembly_gen.assembly_id       1 
_pdbx_struct_assembly_gen.oper_expression   1 
_pdbx_struct_assembly_gen.asym_id_list      A,B,C,D 
# 
_pdbx_struct_oper_list.id                   1 
_pdbx_struct_oper_list.type                 'identity operation' 
_pdbx_struct_oper_list.name                 1_555 
_pdbx_struct_oper_list.symmetry_operation   x,y,z 
_pdbx_struct_oper_list.matrix[1][1]         1.0000000000 
_pdbx_struct_oper_list.matrix[1][2]         0.0000000000 
_pdbx_struct_oper_list.matrix[1][3]         0.0000000000 
_pdbx_struct_oper_list.vector[1]            0.0000000000 
_pdbx_struct_oper_list.matrix[2][1]         0.0000000000 
_pdbx_struct_oper_list.matrix[2][2]         1.0000000000 
_pdbx_struct_oper_list.matrix[2][3]         0.0000000000 
_pdbx_struct_oper_list.vector[2]            0.0000000000 
_pdbx_struct_oper_list.matrix[3][1]         0.0000000000 
_pdbx_struct_oper_list.matrix[3][2]         0.0000000000 
_pdbx_struct_oper_list.matrix[3][3]         1.0000000000 
_pdbx_struct_oper_list.vector[3]            0.0000000000 
# 
_struct_biol.id   1 
# 
loop_
_struct_conn.id 
_struct_conn.conn_type_id 
_struct_conn.pdbx_leaving_atom_flag 
_struct_conn.pdbx_PDB_id 
_struct_conn.ptnr1_label_asym_id 
_struct_conn.ptnr1_label_comp_id 
_struct_conn.ptnr1_label_seq_id 
_struct_conn.ptnr1_label_atom_id 
_struct_conn.pdbx_ptnr1_label_alt_id 
_struct_conn.pdbx_ptnr1_PDB_ins_code 
_struct_conn.pdbx_ptnr1_standard_comp_id 
_struct_conn.ptnr1_symmetry 
_struct_conn.ptnr2_label_asym_id 
_struct_conn.ptnr2_label_comp_id 
_struct_conn.ptnr2_label_seq_id 
_struct_conn.ptnr2_label_atom_id 
_struct_conn.pdbx_ptnr2_label_alt_id 
_struct_conn.pdbx_ptnr2_PDB_ins_code 
_struct_conn.ptnr1_auth_asym_id 
_struct_conn.ptnr1_auth_comp_id 
_struct_conn.ptnr1_auth_seq_id 
_struct_conn.ptnr2_auth_asym_id 
_struct_conn.ptnr2_auth_comp_id 
_struct_conn.ptnr2_auth_seq_id 
_struct_conn.ptnr2_symmetry 
_struct_conn.pdbx_ptnr3_label_atom_id 
_struct_conn.pdbx_ptnr3_label_seq_id 
_struct_conn.pdbx_ptnr3_label_comp_id 
_struct_conn.pdbx_ptnr3_label_asym_id 
_struct_conn.pdbx_ptnr3_label_alt_id 
_struct_conn.pdbx_ptnr3_PDB_ins_code 
_struct_conn.details 
_struct_conn.pdbx_dist_value 
_struct_conn.pdbx_value_order 
_struct_conn.pdbx_role 
disulf1 disulf ? ? A CYS 2  SG ? ? ? 1_555 A CYS 81 SG ? ? A CYS 1  A CYS 80 1_555 ? ? ? ? ? ? ? 2.042 ? ? 
disulf2 disulf ? ? A CYS 23 SG ? ? ? 1_555 A CYS 64 SG ? ? A CYS 22 A CYS 63 1_555 ? ? ? ? ? ? ? 2.038 ? ? 
disulf3 disulf ? ? A CYS 52 SG ? ? ? 1_555 A CYS 76 SG ? ? A CYS 51 A CYS 75 1_555 ? ? ? ? ? ? ? 2.038 ? ? 
# 
_struct_conn_type.id          disulf 
_struct_conn_type.criteria    ? 
_struct_conn_type.reference   ? 
# 
loop_
_pdbx_modification_feature.ordinal 
_pdbx_modification_feature.label_comp_id 
_pdbx_modification_feature.label_asym_id 
_pdbx_modification_feature.label_seq_id 
_pdbx_modification_feature.label_alt_id 
_pdbx_modification_feature.modified_residue_label_comp_id 
_pdbx_modification_feature.modified_residue_label_asym_id 
_pdbx_modification_feature.modified_residue_label_seq_id 
_pdbx_modification_feature.modified_residue_label_alt_id 
_pdbx_modification_feature.auth_comp_id 
_pdbx_modification_feature.auth_asym_id 
_pdbx_modification_feature.auth_seq_id 
_pdbx_modification_feature.PDB_ins_code 
_pdbx_modification_feature.symmetry 
_pdbx_modification_feature.modified_residue_auth_comp_id 
_pdbx_modification_feature.modified_residue_auth_asym_id 
_pdbx_modification_feature.modified_residue_auth_seq_id 
_pdbx_modification_feature.modified_residue_PDB_ins_code 
_pdbx_modification_feature.modified_residue_symmetry 
_pdbx_modification_feature.comp_id_linking_atom 
_pdbx_modification_feature.modified_residue_id_linking_atom 
_pdbx_modification_feature.modified_residue_id 
_pdbx_modification_feature.ref_pcm_id 
_pdbx_modification_feature.ref_comp_id 
_pdbx_modification_feature.type 
_pdbx_modification_feature.category 
1 CYS A 2  ? CYS A 81 ? CYS A 1  ? 1_555 CYS A 80 ? 1_555 SG SG . . . None 'Disulfide bridge' 
2 CYS A 23 ? CYS A 64 ? CYS A 22 ? 1_555 CYS A 63 ? 1_555 SG SG . . . None 'Disulfide bridge' 
3 CYS A 52 ? CYS A 76 ? CYS A 51 ? 1_555 CYS A 75 ? 1_555 SG SG . . . None 'Disulfide bridge' 
# 
_struct_mon_prot_cis.pdbx_id                1 
_struct_mon_prot_cis.label_comp_id          GLU 
_struct_mon_prot_cis.label_seq_id           30 
_struct_mon_prot_cis.label_asym_id          A 
_struct_mon_prot_cis.label_alt_id           . 
_struct_mon_prot_cis.pdbx_PDB_ins_code      ? 
_struct_mon_prot_cis.auth_comp_id           GLU 
_struct_mon_prot_cis.auth_seq_id            29 
_struct_mon_prot_cis.auth_asym_id           A 
_struct_mon_prot_cis.pdbx_label_comp_id_2   PRO 
_struct_mon_prot_cis.pdbx_label_seq_id_2    31 
_struct_mon_prot_cis.pdbx_label_asym_id_2   A 
_struct_mon_prot_cis.pdbx_PDB_ins_code_2    ? 
_struct_mon_prot_cis.pdbx_auth_comp_id_2    PRO 
_struct_mon_prot_cis.pdbx_auth_seq_id_2     30 
_struct_mon_prot_cis.pdbx_auth_asym_id_2    A 
_struct_mon_prot_cis.pdbx_PDB_model_num     1 
_struct_mon_prot_cis.pdbx_omega_angle       -0.18 
# 
_struct_sheet.id               AA 
_struct_sheet.type             ? 
_struct_sheet.number_strands   2 
_struct_sheet.details          ? 
# 
_struct_sheet_order.sheet_id     AA 
_struct_sheet_order.range_id_1   1 
_struct_sheet_order.range_id_2   2 
_struct_sheet_order.offset       ? 
_struct_sheet_order.sense        anti-parallel 
# 
loop_
_struct_sheet_range.sheet_id 
_struct_sheet_range.id 
_struct_sheet_range.beg_label_comp_id 
_struct_sheet_range.beg_label_asym_id 
_struct_sheet_range.beg_label_seq_id 
_struct_sheet_range.pdbx_beg_PDB_ins_code 
_struct_sheet_range.end_label_comp_id 
_struct_sheet_range.end_label_asym_id 
_struct_sheet_range.end_label_seq_id 
_struct_sheet_range.pdbx_end_PDB_ins_code 
_struct_sheet_range.beg_auth_comp_id 
_struct_sheet_range.beg_auth_asym_id 
_struct_sheet_range.beg_auth_seq_id 
_struct_sheet_range.end_auth_comp_id 
_struct_sheet_range.end_auth_asym_id 
_struct_sheet_range.end_auth_seq_id 
AA 1 TRP A 63 ? TYR A 65 ? TRP A 62 TYR A 64 
AA 2 PHE A 73 ? TYR A 75 ? PHE A 72 TYR A 74 
# 
_pdbx_struct_sheet_hbond.sheet_id                AA 
_pdbx_struct_sheet_hbond.range_id_1              1 
_pdbx_struct_sheet_hbond.range_id_2              2 
_pdbx_struct_sheet_hbond.range_1_label_atom_id   N 
_pdbx_struct_sheet_hbond.range_1_label_comp_id   CYS 
_pdbx_struct_sheet_hbond.range_1_label_asym_id   A 
_pdbx_struct_sheet_hbond.range_1_label_seq_id    64 
_pdbx_struct_sheet_hbond.range_1_PDB_ins_code    ? 
_pdbx_struct_sheet_hbond.range_1_auth_atom_id    N 
_pdbx_struct_sheet_hbond.range_1_auth_comp_id    CYS 
_pdbx_struct_sheet_hbond.range_1_auth_asym_id    A 
_pdbx_struct_sheet_hbond.range_1_auth_seq_id     63 
_pdbx_struct_sheet_hbond.range_2_label_atom_id   O 
_pdbx_struct_sheet_hbond.range_2_label_comp_id   ASP 
_pdbx_struct_sheet_hbond.range_2_label_asym_id   A 
_pdbx_struct_sheet_hbond.range_2_label_seq_id    74 
_pdbx_struct_sheet_hbond.range_2_PDB_ins_code    ? 
_pdbx_struct_sheet_hbond.range_2_auth_atom_id    O 
_pdbx_struct_sheet_hbond.range_2_auth_comp_id    ASP 
_pdbx_struct_sheet_hbond.range_2_auth_asym_id    A 
_pdbx_struct_sheet_hbond.range_2_auth_seq_id     73 
# 
loop_
_struct_site.id 
_struct_site.pdbx_evidence_code 
_struct_site.pdbx_auth_asym_id 
_struct_site.pdbx_auth_comp_id 
_struct_site.pdbx_auth_seq_id 
_struct_site.pdbx_auth_ins_code 
_struct_site.pdbx_num_residues 
_struct_site.details 
AC1 Software A CPF 1081 ? 11 'BINDING SITE FOR RESIDUE CPF A 1081' 
AC2 Software A SO4 1082 ? 4  'BINDING SITE FOR RESIDUE SO4 A 1082' 
# 
loop_
_struct_site_gen.id 
_struct_site_gen.site_id 
_struct_site_gen.pdbx_num_res 
_struct_site_gen.label_comp_id 
_struct_site_gen.label_asym_id 
_struct_site_gen.label_seq_id 
_struct_site_gen.pdbx_auth_ins_code 
_struct_site_gen.auth_comp_id 
_struct_site_gen.auth_asym_id 
_struct_site_gen.auth_seq_id 
_struct_site_gen.label_atom_id 
_struct_site_gen.label_alt_id 
_struct_site_gen.symmetry 
_struct_site_gen.details 
1  AC1 11 PHE A 4  ? PHE A 3  . ? 1_655 ? 
2  AC1 11 SER A 35 ? SER A 34 . ? 1_555 ? 
3  AC1 11 THR A 36 ? THR A 35 . ? 1_555 ? 
4  AC1 11 ASP A 56 ? ASP A 55 . ? 1_555 ? 
5  AC1 11 ASP A 58 ? ASP A 57 . ? 1_555 ? 
6  AC1 11 ILE A 59 ? ILE A 58 . ? 4_555 ? 
7  AC1 11 ASN A 60 ? ASN A 59 . ? 4_555 ? 
8  AC1 11 TRP A 63 ? TRP A 62 . ? 1_555 ? 
9  AC1 11 TYR A 65 ? TYR A 64 . ? 1_555 ? 
10 AC1 11 LEU A 72 ? LEU A 71 . ? 1_555 ? 
11 AC1 11 PHE A 73 ? PHE A 72 . ? 1_555 ? 
12 AC2 4  ASP A 1  ? ASP A 0  . ? 1_555 ? 
13 AC2 4  TYR A 10 ? TYR A 9  . ? 1_555 ? 
14 AC2 4  LYS A 13 ? LYS A 12 . ? 1_555 ? 
15 AC2 4  LYS A 14 ? LYS A 13 . ? 1_555 ? 
# 
_pdbx_entry_details.entry_id                   4BVV 
_pdbx_entry_details.compound_details           ? 
_pdbx_entry_details.source_details             ? 
_pdbx_entry_details.nonpolymer_details         ? 
_pdbx_entry_details.sequence_details           'KRINGLE V DOMAIN' 
_pdbx_entry_details.has_ligand_of_interest     ? 
_pdbx_entry_details.has_protein_modification   Y 
# 
_pdbx_validate_torsion.id              1 
_pdbx_validate_torsion.PDB_model_num   1 
_pdbx_validate_torsion.auth_comp_id    LYS 
_pdbx_validate_torsion.auth_asym_id    A 
_pdbx_validate_torsion.auth_seq_id     48 
_pdbx_validate_torsion.PDB_ins_code    ? 
_pdbx_validate_torsion.label_alt_id    ? 
_pdbx_validate_torsion.phi             42.27 
_pdbx_validate_torsion.psi             -122.75 
# 
loop_
_chem_comp_atom.comp_id 
_chem_comp_atom.atom_id 
_chem_comp_atom.type_symbol 
_chem_comp_atom.pdbx_aromatic_flag 
_chem_comp_atom.pdbx_stereo_config 
_chem_comp_atom.pdbx_ordinal 
ALA N    N N N 1   
ALA CA   C N S 2   
ALA C    C N N 3   
ALA O    O N N 4   
ALA CB   C N N 5   
ALA OXT  O N N 6   
ALA H    H N N 7   
ALA H2   H N N 8   
ALA HA   H N N 9   
ALA HB1  H N N 10  
ALA HB2  H N N 11  
ALA HB3  H N N 12  
ALA HXT  H N N 13  
ARG N    N N N 14  
ARG CA   C N S 15  
ARG C    C N N 16  
ARG O    O N N 17  
ARG CB   C N N 18  
ARG CG   C N N 19  
ARG CD   C N N 20  
ARG NE   N N N 21  
ARG CZ   C N N 22  
ARG NH1  N N N 23  
ARG NH2  N N N 24  
ARG OXT  O N N 25  
ARG H    H N N 26  
ARG H2   H N N 27  
ARG HA   H N N 28  
ARG HB2  H N N 29  
ARG HB3  H N N 30  
ARG HG2  H N N 31  
ARG HG3  H N N 32  
ARG HD2  H N N 33  
ARG HD3  H N N 34  
ARG HE   H N N 35  
ARG HH11 H N N 36  
ARG HH12 H N N 37  
ARG HH21 H N N 38  
ARG HH22 H N N 39  
ARG HXT  H N N 40  
ASN N    N N N 41  
ASN CA   C N S 42  
ASN C    C N N 43  
ASN O    O N N 44  
ASN CB   C N N 45  
ASN CG   C N N 46  
ASN OD1  O N N 47  
ASN ND2  N N N 48  
ASN OXT  O N N 49  
ASN H    H N N 50  
ASN H2   H N N 51  
ASN HA   H N N 52  
ASN HB2  H N N 53  
ASN HB3  H N N 54  
ASN HD21 H N N 55  
ASN HD22 H N N 56  
ASN HXT  H N N 57  
ASP N    N N N 58  
ASP CA   C N S 59  
ASP C    C N N 60  
ASP O    O N N 61  
ASP CB   C N N 62  
ASP CG   C N N 63  
ASP OD1  O N N 64  
ASP OD2  O N N 65  
ASP OXT  O N N 66  
ASP H    H N N 67  
ASP H2   H N N 68  
ASP HA   H N N 69  
ASP HB2  H N N 70  
ASP HB3  H N N 71  
ASP HD2  H N N 72  
ASP HXT  H N N 73  
CPF O2   O N N 74  
CPF C3   C N N 75  
CPF O1   O N N 76  
CPF C2   C N N 77  
CPF C1   C N N 78  
CPF N1   N N N 79  
CPF C10  C Y N 80  
CPF C9   C Y N 81  
CPF C8   C Y N 82  
CPF N2   N N N 83  
CPF C17  C N N 84  
CPF C16  C N N 85  
CPF N3   N N N 86  
CPF C15  C N N 87  
CPF C14  C N N 88  
CPF C7   C Y N 89  
CPF F1   F N N 90  
CPF C6   C Y N 91  
CPF C5   C Y N 92  
CPF C4   C N N 93  
CPF O3   O N N 94  
CPF C11  C N N 95  
CPF C12  C N N 96  
CPF C13  C N N 97  
CPF HO2  H N N 98  
CPF H1   H N N 99  
CPF H9   H N N 100 
CPF H171 H N N 101 
CPF H172 H N N 102 
CPF H161 H N N 103 
CPF H162 H N N 104 
CPF HN3  H N N 105 
CPF H151 H N N 106 
CPF H152 H N N 107 
CPF H141 H N N 108 
CPF H142 H N N 109 
CPF H6   H N N 110 
CPF H11  H N N 111 
CPF H121 H N N 112 
CPF H122 H N N 113 
CPF H131 H N N 114 
CPF H132 H N N 115 
CYS N    N N N 116 
CYS CA   C N R 117 
CYS C    C N N 118 
CYS O    O N N 119 
CYS CB   C N N 120 
CYS SG   S N N 121 
CYS OXT  O N N 122 
CYS H    H N N 123 
CYS H2   H N N 124 
CYS HA   H N N 125 
CYS HB2  H N N 126 
CYS HB3  H N N 127 
CYS HG   H N N 128 
CYS HXT  H N N 129 
GLN N    N N N 130 
GLN CA   C N S 131 
GLN C    C N N 132 
GLN O    O N N 133 
GLN CB   C N N 134 
GLN CG   C N N 135 
GLN CD   C N N 136 
GLN OE1  O N N 137 
GLN NE2  N N N 138 
GLN OXT  O N N 139 
GLN H    H N N 140 
GLN H2   H N N 141 
GLN HA   H N N 142 
GLN HB2  H N N 143 
GLN HB3  H N N 144 
GLN HG2  H N N 145 
GLN HG3  H N N 146 
GLN HE21 H N N 147 
GLN HE22 H N N 148 
GLN HXT  H N N 149 
GLU N    N N N 150 
GLU CA   C N S 151 
GLU C    C N N 152 
GLU O    O N N 153 
GLU CB   C N N 154 
GLU CG   C N N 155 
GLU CD   C N N 156 
GLU OE1  O N N 157 
GLU OE2  O N N 158 
GLU OXT  O N N 159 
GLU H    H N N 160 
GLU H2   H N N 161 
GLU HA   H N N 162 
GLU HB2  H N N 163 
GLU HB3  H N N 164 
GLU HG2  H N N 165 
GLU HG3  H N N 166 
GLU HE2  H N N 167 
GLU HXT  H N N 168 
GLY N    N N N 169 
GLY CA   C N N 170 
GLY C    C N N 171 
GLY O    O N N 172 
GLY OXT  O N N 173 
GLY H    H N N 174 
GLY H2   H N N 175 
GLY HA2  H N N 176 
GLY HA3  H N N 177 
GLY HXT  H N N 178 
HIS N    N N N 179 
HIS CA   C N S 180 
HIS C    C N N 181 
HIS O    O N N 182 
HIS CB   C N N 183 
HIS CG   C Y N 184 
HIS ND1  N Y N 185 
HIS CD2  C Y N 186 
HIS CE1  C Y N 187 
HIS NE2  N Y N 188 
HIS OXT  O N N 189 
HIS H    H N N 190 
HIS H2   H N N 191 
HIS HA   H N N 192 
HIS HB2  H N N 193 
HIS HB3  H N N 194 
HIS HD1  H N N 195 
HIS HD2  H N N 196 
HIS HE1  H N N 197 
HIS HE2  H N N 198 
HIS HXT  H N N 199 
HOH O    O N N 200 
HOH H1   H N N 201 
HOH H2   H N N 202 
ILE N    N N N 203 
ILE CA   C N S 204 
ILE C    C N N 205 
ILE O    O N N 206 
ILE CB   C N S 207 
ILE CG1  C N N 208 
ILE CG2  C N N 209 
ILE CD1  C N N 210 
ILE OXT  O N N 211 
ILE H    H N N 212 
ILE H2   H N N 213 
ILE HA   H N N 214 
ILE HB   H N N 215 
ILE HG12 H N N 216 
ILE HG13 H N N 217 
ILE HG21 H N N 218 
ILE HG22 H N N 219 
ILE HG23 H N N 220 
ILE HD11 H N N 221 
ILE HD12 H N N 222 
ILE HD13 H N N 223 
ILE HXT  H N N 224 
LEU N    N N N 225 
LEU CA   C N S 226 
LEU C    C N N 227 
LEU O    O N N 228 
LEU CB   C N N 229 
LEU CG   C N N 230 
LEU CD1  C N N 231 
LEU CD2  C N N 232 
LEU OXT  O N N 233 
LEU H    H N N 234 
LEU H2   H N N 235 
LEU HA   H N N 236 
LEU HB2  H N N 237 
LEU HB3  H N N 238 
LEU HG   H N N 239 
LEU HD11 H N N 240 
LEU HD12 H N N 241 
LEU HD13 H N N 242 
LEU HD21 H N N 243 
LEU HD22 H N N 244 
LEU HD23 H N N 245 
LEU HXT  H N N 246 
LYS N    N N N 247 
LYS CA   C N S 248 
LYS C    C N N 249 
LYS O    O N N 250 
LYS CB   C N N 251 
LYS CG   C N N 252 
LYS CD   C N N 253 
LYS CE   C N N 254 
LYS NZ   N N N 255 
LYS OXT  O N N 256 
LYS H    H N N 257 
LYS H2   H N N 258 
LYS HA   H N N 259 
LYS HB2  H N N 260 
LYS HB3  H N N 261 
LYS HG2  H N N 262 
LYS HG3  H N N 263 
LYS HD2  H N N 264 
LYS HD3  H N N 265 
LYS HE2  H N N 266 
LYS HE3  H N N 267 
LYS HZ1  H N N 268 
LYS HZ2  H N N 269 
LYS HZ3  H N N 270 
LYS HXT  H N N 271 
MET N    N N N 272 
MET CA   C N S 273 
MET C    C N N 274 
MET O    O N N 275 
MET CB   C N N 276 
MET CG   C N N 277 
MET SD   S N N 278 
MET CE   C N N 279 
MET OXT  O N N 280 
MET H    H N N 281 
MET H2   H N N 282 
MET HA   H N N 283 
MET HB2  H N N 284 
MET HB3  H N N 285 
MET HG2  H N N 286 
MET HG3  H N N 287 
MET HE1  H N N 288 
MET HE2  H N N 289 
MET HE3  H N N 290 
MET HXT  H N N 291 
PHE N    N N N 292 
PHE CA   C N S 293 
PHE C    C N N 294 
PHE O    O N N 295 
PHE CB   C N N 296 
PHE CG   C Y N 297 
PHE CD1  C Y N 298 
PHE CD2  C Y N 299 
PHE CE1  C Y N 300 
PHE CE2  C Y N 301 
PHE CZ   C Y N 302 
PHE OXT  O N N 303 
PHE H    H N N 304 
PHE H2   H N N 305 
PHE HA   H N N 306 
PHE HB2  H N N 307 
PHE HB3  H N N 308 
PHE HD1  H N N 309 
PHE HD2  H N N 310 
PHE HE1  H N N 311 
PHE HE2  H N N 312 
PHE HZ   H N N 313 
PHE HXT  H N N 314 
PRO N    N N N 315 
PRO CA   C N S 316 
PRO C    C N N 317 
PRO O    O N N 318 
PRO CB   C N N 319 
PRO CG   C N N 320 
PRO CD   C N N 321 
PRO OXT  O N N 322 
PRO H    H N N 323 
PRO HA   H N N 324 
PRO HB2  H N N 325 
PRO HB3  H N N 326 
PRO HG2  H N N 327 
PRO HG3  H N N 328 
PRO HD2  H N N 329 
PRO HD3  H N N 330 
PRO HXT  H N N 331 
SER N    N N N 332 
SER CA   C N S 333 
SER C    C N N 334 
SER O    O N N 335 
SER CB   C N N 336 
SER OG   O N N 337 
SER OXT  O N N 338 
SER H    H N N 339 
SER H2   H N N 340 
SER HA   H N N 341 
SER HB2  H N N 342 
SER HB3  H N N 343 
SER HG   H N N 344 
SER HXT  H N N 345 
SO4 S    S N N 346 
SO4 O1   O N N 347 
SO4 O2   O N N 348 
SO4 O3   O N N 349 
SO4 O4   O N N 350 
THR N    N N N 351 
THR CA   C N S 352 
THR C    C N N 353 
THR O    O N N 354 
THR CB   C N R 355 
THR OG1  O N N 356 
THR CG2  C N N 357 
THR OXT  O N N 358 
THR H    H N N 359 
THR H2   H N N 360 
THR HA   H N N 361 
THR HB   H N N 362 
THR HG1  H N N 363 
THR HG21 H N N 364 
THR HG22 H N N 365 
THR HG23 H N N 366 
THR HXT  H N N 367 
TRP N    N N N 368 
TRP CA   C N S 369 
TRP C    C N N 370 
TRP O    O N N 371 
TRP CB   C N N 372 
TRP CG   C Y N 373 
TRP CD1  C Y N 374 
TRP CD2  C Y N 375 
TRP NE1  N Y N 376 
TRP CE2  C Y N 377 
TRP CE3  C Y N 378 
TRP CZ2  C Y N 379 
TRP CZ3  C Y N 380 
TRP CH2  C Y N 381 
TRP OXT  O N N 382 
TRP H    H N N 383 
TRP H2   H N N 384 
TRP HA   H N N 385 
TRP HB2  H N N 386 
TRP HB3  H N N 387 
TRP HD1  H N N 388 
TRP HE1  H N N 389 
TRP HE3  H N N 390 
TRP HZ2  H N N 391 
TRP HZ3  H N N 392 
TRP HH2  H N N 393 
TRP HXT  H N N 394 
TYR N    N N N 395 
TYR CA   C N S 396 
TYR C    C N N 397 
TYR O    O N N 398 
TYR CB   C N N 399 
TYR CG   C Y N 400 
TYR CD1  C Y N 401 
TYR CD2  C Y N 402 
TYR CE1  C Y N 403 
TYR CE2  C Y N 404 
TYR CZ   C Y N 405 
TYR OH   O N N 406 
TYR OXT  O N N 407 
TYR H    H N N 408 
TYR H2   H N N 409 
TYR HA   H N N 410 
TYR HB2  H N N 411 
TYR HB3  H N N 412 
TYR HD1  H N N 413 
TYR HD2  H N N 414 
TYR HE1  H N N 415 
TYR HE2  H N N 416 
TYR HH   H N N 417 
TYR HXT  H N N 418 
VAL N    N N N 419 
VAL CA   C N S 420 
VAL C    C N N 421 
VAL O    O N N 422 
VAL CB   C N N 423 
VAL CG1  C N N 424 
VAL CG2  C N N 425 
VAL OXT  O N N 426 
VAL H    H N N 427 
VAL H2   H N N 428 
VAL HA   H N N 429 
VAL HB   H N N 430 
VAL HG11 H N N 431 
VAL HG12 H N N 432 
VAL HG13 H N N 433 
VAL HG21 H N N 434 
VAL HG22 H N N 435 
VAL HG23 H N N 436 
VAL HXT  H N N 437 
# 
loop_
_chem_comp_bond.comp_id 
_chem_comp_bond.atom_id_1 
_chem_comp_bond.atom_id_2 
_chem_comp_bond.value_order 
_chem_comp_bond.pdbx_aromatic_flag 
_chem_comp_bond.pdbx_stereo_config 
_chem_comp_bond.pdbx_ordinal 
ALA N   CA   sing N N 1   
ALA N   H    sing N N 2   
ALA N   H2   sing N N 3   
ALA CA  C    sing N N 4   
ALA CA  CB   sing N N 5   
ALA CA  HA   sing N N 6   
ALA C   O    doub N N 7   
ALA C   OXT  sing N N 8   
ALA CB  HB1  sing N N 9   
ALA CB  HB2  sing N N 10  
ALA CB  HB3  sing N N 11  
ALA OXT HXT  sing N N 12  
ARG N   CA   sing N N 13  
ARG N   H    sing N N 14  
ARG N   H2   sing N N 15  
ARG CA  C    sing N N 16  
ARG CA  CB   sing N N 17  
ARG CA  HA   sing N N 18  
ARG C   O    doub N N 19  
ARG C   OXT  sing N N 20  
ARG CB  CG   sing N N 21  
ARG CB  HB2  sing N N 22  
ARG CB  HB3  sing N N 23  
ARG CG  CD   sing N N 24  
ARG CG  HG2  sing N N 25  
ARG CG  HG3  sing N N 26  
ARG CD  NE   sing N N 27  
ARG CD  HD2  sing N N 28  
ARG CD  HD3  sing N N 29  
ARG NE  CZ   sing N N 30  
ARG NE  HE   sing N N 31  
ARG CZ  NH1  sing N N 32  
ARG CZ  NH2  doub N N 33  
ARG NH1 HH11 sing N N 34  
ARG NH1 HH12 sing N N 35  
ARG NH2 HH21 sing N N 36  
ARG NH2 HH22 sing N N 37  
ARG OXT HXT  sing N N 38  
ASN N   CA   sing N N 39  
ASN N   H    sing N N 40  
ASN N   H2   sing N N 41  
ASN CA  C    sing N N 42  
ASN CA  CB   sing N N 43  
ASN CA  HA   sing N N 44  
ASN C   O    doub N N 45  
ASN C   OXT  sing N N 46  
ASN CB  CG   sing N N 47  
ASN CB  HB2  sing N N 48  
ASN CB  HB3  sing N N 49  
ASN CG  OD1  doub N N 50  
ASN CG  ND2  sing N N 51  
ASN ND2 HD21 sing N N 52  
ASN ND2 HD22 sing N N 53  
ASN OXT HXT  sing N N 54  
ASP N   CA   sing N N 55  
ASP N   H    sing N N 56  
ASP N   H2   sing N N 57  
ASP CA  C    sing N N 58  
ASP CA  CB   sing N N 59  
ASP CA  HA   sing N N 60  
ASP C   O    doub N N 61  
ASP C   OXT  sing N N 62  
ASP CB  CG   sing N N 63  
ASP CB  HB2  sing N N 64  
ASP CB  HB3  sing N N 65  
ASP CG  OD1  doub N N 66  
ASP CG  OD2  sing N N 67  
ASP OD2 HD2  sing N N 68  
ASP OXT HXT  sing N N 69  
CPF O2  C3   sing N N 70  
CPF O2  HO2  sing N N 71  
CPF C3  O1   doub N N 72  
CPF C3  C2   sing N N 73  
CPF C2  C1   doub N N 74  
CPF C2  C4   sing N N 75  
CPF C1  N1   sing N N 76  
CPF C1  H1   sing N N 77  
CPF N1  C10  sing N N 78  
CPF N1  C11  sing N N 79  
CPF C10 C9   doub Y N 80  
CPF C10 C5   sing Y N 81  
CPF C9  C8   sing Y N 82  
CPF C9  H9   sing N N 83  
CPF C8  N2   sing N N 84  
CPF C8  C7   doub Y N 85  
CPF N2  C17  sing N N 86  
CPF N2  C14  sing N N 87  
CPF C17 C16  sing N N 88  
CPF C17 H171 sing N N 89  
CPF C17 H172 sing N N 90  
CPF C16 N3   sing N N 91  
CPF C16 H161 sing N N 92  
CPF C16 H162 sing N N 93  
CPF N3  C15  sing N N 94  
CPF N3  HN3  sing N N 95  
CPF C15 C14  sing N N 96  
CPF C15 H151 sing N N 97  
CPF C15 H152 sing N N 98  
CPF C14 H141 sing N N 99  
CPF C14 H142 sing N N 100 
CPF C7  F1   sing N N 101 
CPF C7  C6   sing Y N 102 
CPF C6  C5   doub Y N 103 
CPF C6  H6   sing N N 104 
CPF C5  C4   sing N N 105 
CPF C4  O3   doub N N 106 
CPF C11 C12  sing N N 107 
CPF C11 C13  sing N N 108 
CPF C11 H11  sing N N 109 
CPF C12 C13  sing N N 110 
CPF C12 H121 sing N N 111 
CPF C12 H122 sing N N 112 
CPF C13 H131 sing N N 113 
CPF C13 H132 sing N N 114 
CYS N   CA   sing N N 115 
CYS N   H    sing N N 116 
CYS N   H2   sing N N 117 
CYS CA  C    sing N N 118 
CYS CA  CB   sing N N 119 
CYS CA  HA   sing N N 120 
CYS C   O    doub N N 121 
CYS C   OXT  sing N N 122 
CYS CB  SG   sing N N 123 
CYS CB  HB2  sing N N 124 
CYS CB  HB3  sing N N 125 
CYS SG  HG   sing N N 126 
CYS OXT HXT  sing N N 127 
GLN N   CA   sing N N 128 
GLN N   H    sing N N 129 
GLN N   H2   sing N N 130 
GLN CA  C    sing N N 131 
GLN CA  CB   sing N N 132 
GLN CA  HA   sing N N 133 
GLN C   O    doub N N 134 
GLN C   OXT  sing N N 135 
GLN CB  CG   sing N N 136 
GLN CB  HB2  sing N N 137 
GLN CB  HB3  sing N N 138 
GLN CG  CD   sing N N 139 
GLN CG  HG2  sing N N 140 
GLN CG  HG3  sing N N 141 
GLN CD  OE1  doub N N 142 
GLN CD  NE2  sing N N 143 
GLN NE2 HE21 sing N N 144 
GLN NE2 HE22 sing N N 145 
GLN OXT HXT  sing N N 146 
GLU N   CA   sing N N 147 
GLU N   H    sing N N 148 
GLU N   H2   sing N N 149 
GLU CA  C    sing N N 150 
GLU CA  CB   sing N N 151 
GLU CA  HA   sing N N 152 
GLU C   O    doub N N 153 
GLU C   OXT  sing N N 154 
GLU CB  CG   sing N N 155 
GLU CB  HB2  sing N N 156 
GLU CB  HB3  sing N N 157 
GLU CG  CD   sing N N 158 
GLU CG  HG2  sing N N 159 
GLU CG  HG3  sing N N 160 
GLU CD  OE1  doub N N 161 
GLU CD  OE2  sing N N 162 
GLU OE2 HE2  sing N N 163 
GLU OXT HXT  sing N N 164 
GLY N   CA   sing N N 165 
GLY N   H    sing N N 166 
GLY N   H2   sing N N 167 
GLY CA  C    sing N N 168 
GLY CA  HA2  sing N N 169 
GLY CA  HA3  sing N N 170 
GLY C   O    doub N N 171 
GLY C   OXT  sing N N 172 
GLY OXT HXT  sing N N 173 
HIS N   CA   sing N N 174 
HIS N   H    sing N N 175 
HIS N   H2   sing N N 176 
HIS CA  C    sing N N 177 
HIS CA  CB   sing N N 178 
HIS CA  HA   sing N N 179 
HIS C   O    doub N N 180 
HIS C   OXT  sing N N 181 
HIS CB  CG   sing N N 182 
HIS CB  HB2  sing N N 183 
HIS CB  HB3  sing N N 184 
HIS CG  ND1  sing Y N 185 
HIS CG  CD2  doub Y N 186 
HIS ND1 CE1  doub Y N 187 
HIS ND1 HD1  sing N N 188 
HIS CD2 NE2  sing Y N 189 
HIS CD2 HD2  sing N N 190 
HIS CE1 NE2  sing Y N 191 
HIS CE1 HE1  sing N N 192 
HIS NE2 HE2  sing N N 193 
HIS OXT HXT  sing N N 194 
HOH O   H1   sing N N 195 
HOH O   H2   sing N N 196 
ILE N   CA   sing N N 197 
ILE N   H    sing N N 198 
ILE N   H2   sing N N 199 
ILE CA  C    sing N N 200 
ILE CA  CB   sing N N 201 
ILE CA  HA   sing N N 202 
ILE C   O    doub N N 203 
ILE C   OXT  sing N N 204 
ILE CB  CG1  sing N N 205 
ILE CB  CG2  sing N N 206 
ILE CB  HB   sing N N 207 
ILE CG1 CD1  sing N N 208 
ILE CG1 HG12 sing N N 209 
ILE CG1 HG13 sing N N 210 
ILE CG2 HG21 sing N N 211 
ILE CG2 HG22 sing N N 212 
ILE CG2 HG23 sing N N 213 
ILE CD1 HD11 sing N N 214 
ILE CD1 HD12 sing N N 215 
ILE CD1 HD13 sing N N 216 
ILE OXT HXT  sing N N 217 
LEU N   CA   sing N N 218 
LEU N   H    sing N N 219 
LEU N   H2   sing N N 220 
LEU CA  C    sing N N 221 
LEU CA  CB   sing N N 222 
LEU CA  HA   sing N N 223 
LEU C   O    doub N N 224 
LEU C   OXT  sing N N 225 
LEU CB  CG   sing N N 226 
LEU CB  HB2  sing N N 227 
LEU CB  HB3  sing N N 228 
LEU CG  CD1  sing N N 229 
LEU CG  CD2  sing N N 230 
LEU CG  HG   sing N N 231 
LEU CD1 HD11 sing N N 232 
LEU CD1 HD12 sing N N 233 
LEU CD1 HD13 sing N N 234 
LEU CD2 HD21 sing N N 235 
LEU CD2 HD22 sing N N 236 
LEU CD2 HD23 sing N N 237 
LEU OXT HXT  sing N N 238 
LYS N   CA   sing N N 239 
LYS N   H    sing N N 240 
LYS N   H2   sing N N 241 
LYS CA  C    sing N N 242 
LYS CA  CB   sing N N 243 
LYS CA  HA   sing N N 244 
LYS C   O    doub N N 245 
LYS C   OXT  sing N N 246 
LYS CB  CG   sing N N 247 
LYS CB  HB2  sing N N 248 
LYS CB  HB3  sing N N 249 
LYS CG  CD   sing N N 250 
LYS CG  HG2  sing N N 251 
LYS CG  HG3  sing N N 252 
LYS CD  CE   sing N N 253 
LYS CD  HD2  sing N N 254 
LYS CD  HD3  sing N N 255 
LYS CE  NZ   sing N N 256 
LYS CE  HE2  sing N N 257 
LYS CE  HE3  sing N N 258 
LYS NZ  HZ1  sing N N 259 
LYS NZ  HZ2  sing N N 260 
LYS NZ  HZ3  sing N N 261 
LYS OXT HXT  sing N N 262 
MET N   CA   sing N N 263 
MET N   H    sing N N 264 
MET N   H2   sing N N 265 
MET CA  C    sing N N 266 
MET CA  CB   sing N N 267 
MET CA  HA   sing N N 268 
MET C   O    doub N N 269 
MET C   OXT  sing N N 270 
MET CB  CG   sing N N 271 
MET CB  HB2  sing N N 272 
MET CB  HB3  sing N N 273 
MET CG  SD   sing N N 274 
MET CG  HG2  sing N N 275 
MET CG  HG3  sing N N 276 
MET SD  CE   sing N N 277 
MET CE  HE1  sing N N 278 
MET CE  HE2  sing N N 279 
MET CE  HE3  sing N N 280 
MET OXT HXT  sing N N 281 
PHE N   CA   sing N N 282 
PHE N   H    sing N N 283 
PHE N   H2   sing N N 284 
PHE CA  C    sing N N 285 
PHE CA  CB   sing N N 286 
PHE CA  HA   sing N N 287 
PHE C   O    doub N N 288 
PHE C   OXT  sing N N 289 
PHE CB  CG   sing N N 290 
PHE CB  HB2  sing N N 291 
PHE CB  HB3  sing N N 292 
PHE CG  CD1  doub Y N 293 
PHE CG  CD2  sing Y N 294 
PHE CD1 CE1  sing Y N 295 
PHE CD1 HD1  sing N N 296 
PHE CD2 CE2  doub Y N 297 
PHE CD2 HD2  sing N N 298 
PHE CE1 CZ   doub Y N 299 
PHE CE1 HE1  sing N N 300 
PHE CE2 CZ   sing Y N 301 
PHE CE2 HE2  sing N N 302 
PHE CZ  HZ   sing N N 303 
PHE OXT HXT  sing N N 304 
PRO N   CA   sing N N 305 
PRO N   CD   sing N N 306 
PRO N   H    sing N N 307 
PRO CA  C    sing N N 308 
PRO CA  CB   sing N N 309 
PRO CA  HA   sing N N 310 
PRO C   O    doub N N 311 
PRO C   OXT  sing N N 312 
PRO CB  CG   sing N N 313 
PRO CB  HB2  sing N N 314 
PRO CB  HB3  sing N N 315 
PRO CG  CD   sing N N 316 
PRO CG  HG2  sing N N 317 
PRO CG  HG3  sing N N 318 
PRO CD  HD2  sing N N 319 
PRO CD  HD3  sing N N 320 
PRO OXT HXT  sing N N 321 
SER N   CA   sing N N 322 
SER N   H    sing N N 323 
SER N   H2   sing N N 324 
SER CA  C    sing N N 325 
SER CA  CB   sing N N 326 
SER CA  HA   sing N N 327 
SER C   O    doub N N 328 
SER C   OXT  sing N N 329 
SER CB  OG   sing N N 330 
SER CB  HB2  sing N N 331 
SER CB  HB3  sing N N 332 
SER OG  HG   sing N N 333 
SER OXT HXT  sing N N 334 
SO4 S   O1   doub N N 335 
SO4 S   O2   doub N N 336 
SO4 S   O3   sing N N 337 
SO4 S   O4   sing N N 338 
THR N   CA   sing N N 339 
THR N   H    sing N N 340 
THR N   H2   sing N N 341 
THR CA  C    sing N N 342 
THR CA  CB   sing N N 343 
THR CA  HA   sing N N 344 
THR C   O    doub N N 345 
THR C   OXT  sing N N 346 
THR CB  OG1  sing N N 347 
THR CB  CG2  sing N N 348 
THR CB  HB   sing N N 349 
THR OG1 HG1  sing N N 350 
THR CG2 HG21 sing N N 351 
THR CG2 HG22 sing N N 352 
THR CG2 HG23 sing N N 353 
THR OXT HXT  sing N N 354 
TRP N   CA   sing N N 355 
TRP N   H    sing N N 356 
TRP N   H2   sing N N 357 
TRP CA  C    sing N N 358 
TRP CA  CB   sing N N 359 
TRP CA  HA   sing N N 360 
TRP C   O    doub N N 361 
TRP C   OXT  sing N N 362 
TRP CB  CG   sing N N 363 
TRP CB  HB2  sing N N 364 
TRP CB  HB3  sing N N 365 
TRP CG  CD1  doub Y N 366 
TRP CG  CD2  sing Y N 367 
TRP CD1 NE1  sing Y N 368 
TRP CD1 HD1  sing N N 369 
TRP CD2 CE2  doub Y N 370 
TRP CD2 CE3  sing Y N 371 
TRP NE1 CE2  sing Y N 372 
TRP NE1 HE1  sing N N 373 
TRP CE2 CZ2  sing Y N 374 
TRP CE3 CZ3  doub Y N 375 
TRP CE3 HE3  sing N N 376 
TRP CZ2 CH2  doub Y N 377 
TRP CZ2 HZ2  sing N N 378 
TRP CZ3 CH2  sing Y N 379 
TRP CZ3 HZ3  sing N N 380 
TRP CH2 HH2  sing N N 381 
TRP OXT HXT  sing N N 382 
TYR N   CA   sing N N 383 
TYR N   H    sing N N 384 
TYR N   H2   sing N N 385 
TYR CA  C    sing N N 386 
TYR CA  CB   sing N N 387 
TYR CA  HA   sing N N 388 
TYR C   O    doub N N 389 
TYR C   OXT  sing N N 390 
TYR CB  CG   sing N N 391 
TYR CB  HB2  sing N N 392 
TYR CB  HB3  sing N N 393 
TYR CG  CD1  doub Y N 394 
TYR CG  CD2  sing Y N 395 
TYR CD1 CE1  sing Y N 396 
TYR CD1 HD1  sing N N 397 
TYR CD2 CE2  doub Y N 398 
TYR CD2 HD2  sing N N 399 
TYR CE1 CZ   doub Y N 400 
TYR CE1 HE1  sing N N 401 
TYR CE2 CZ   sing Y N 402 
TYR CE2 HE2  sing N N 403 
TYR CZ  OH   sing N N 404 
TYR OH  HH   sing N N 405 
TYR OXT HXT  sing N N 406 
VAL N   CA   sing N N 407 
VAL N   H    sing N N 408 
VAL N   H2   sing N N 409 
VAL CA  C    sing N N 410 
VAL CA  CB   sing N N 411 
VAL CA  HA   sing N N 412 
VAL C   O    doub N N 413 
VAL C   OXT  sing N N 414 
VAL CB  CG1  sing N N 415 
VAL CB  CG2  sing N N 416 
VAL CB  HB   sing N N 417 
VAL CG1 HG11 sing N N 418 
VAL CG1 HG12 sing N N 419 
VAL CG1 HG13 sing N N 420 
VAL CG2 HG21 sing N N 421 
VAL CG2 HG22 sing N N 422 
VAL CG2 HG23 sing N N 423 
VAL OXT HXT  sing N N 424 
# 
_pdbx_initial_refinement_model.id               1 
_pdbx_initial_refinement_model.entity_id_list   ? 
_pdbx_initial_refinement_model.type             'experimental model' 
_pdbx_initial_refinement_model.source_name      PDB 
_pdbx_initial_refinement_model.accession_code   5HPG 
_pdbx_initial_refinement_model.details          'PDB ENTRY 5HPG' 
# 
_atom_sites.entry_id                    4BVV 
_atom_sites.fract_transf_matrix[1][1]   0.01112534 
_atom_sites.fract_transf_matrix[1][2]   0.00381231 
_atom_sites.fract_transf_matrix[1][3]   -0.02942271 
_atom_sites.fract_transf_matrix[2][1]   0.01988313 
_atom_sites.fract_transf_matrix[2][2]   -0.00254093 
_atom_sites.fract_transf_matrix[2][3]   0.00718900 
_atom_sites.fract_transf_matrix[3][1]   -0.00143722 
_atom_sites.fract_transf_matrix[3][2]   -0.02018285 
_atom_sites.fract_transf_matrix[3][3]   -0.00315854 
_atom_sites.fract_transf_vector[1]      -0.386222 
_atom_sites.fract_transf_vector[2]      0.065935 
_atom_sites.fract_transf_vector[3]      -0.159898 
# 
loop_
_atom_type.symbol 
C 
F 
N 
O 
S 
# 
loop_
_atom_site.group_PDB 
_atom_site.id 
_atom_site.type_symbol 
_atom_site.label_atom_id 
_atom_site.label_alt_id 
_atom_site.label_comp_id 
_atom_site.label_asym_id 
_atom_site.label_entity_id 
_atom_site.label_seq_id 
_atom_site.pdbx_PDB_ins_code 
_atom_site.Cartn_x 
_atom_site.Cartn_y 
_atom_site.Cartn_z 
_atom_site.occupancy 
_atom_site.B_iso_or_equiv 
_atom_site.pdbx_formal_charge 
_atom_site.auth_seq_id 
_atom_site.auth_comp_id 
_atom_site.auth_asym_id 
_atom_site.auth_atom_id 
_atom_site.pdbx_PDB_model_num 
ATOM   1   N N   . ASP A 1 1  ? -3.167  3.480   14.125  1.00 11.63 ? 0    ASP A N   1 
ATOM   2   C CA  . ASP A 1 1  ? -3.422  2.060   14.525  1.00 11.67 ? 0    ASP A CA  1 
ATOM   3   C C   . ASP A 1 1  ? -2.142  1.227   14.355  1.00 12.02 ? 0    ASP A C   1 
ATOM   4   O O   . ASP A 1 1  ? -1.152  1.692   13.772  1.00 12.05 ? 0    ASP A O   1 
ATOM   5   C CB  . ASP A 1 1  ? -4.580  1.470   13.699  1.00 11.40 ? 0    ASP A CB  1 
ATOM   6   C CG  . ASP A 1 1  ? -5.368  0.372   14.450  1.00 11.16 ? 0    ASP A CG  1 
ATOM   7   O OD1 . ASP A 1 1  ? -4.857  -0.194  15.446  1.00 11.33 ? 0    ASP A OD1 1 
ATOM   8   O OD2 . ASP A 1 1  ? -6.504  0.067   14.026  1.00 11.07 ? 0    ASP A OD2 1 
ATOM   9   N N   . CYS A 1 2  ? -2.155  0.006   14.880  1.00 12.33 ? 1    CYS A N   1 
ATOM   10  C CA  . CYS A 1 2  ? -1.028  -0.908  14.707  1.00 12.70 ? 1    CYS A CA  1 
ATOM   11  C C   . CYS A 1 2  ? -1.386  -2.002  13.697  1.00 12.33 ? 1    CYS A C   1 
ATOM   12  O O   . CYS A 1 2  ? -2.515  -2.041  13.208  1.00 12.31 ? 1    CYS A O   1 
ATOM   13  C CB  . CYS A 1 2  ? -0.599  -1.502  16.056  1.00 13.37 ? 1    CYS A CB  1 
ATOM   14  S SG  . CYS A 1 2  ? -1.934  -2.275  17.004  1.00 14.98 ? 1    CYS A SG  1 
ATOM   15  N N   . MET A 1 3  ? -0.428  -2.872  13.371  1.00 12.26 ? 2    MET A N   1 
ATOM   16  C CA  . MET A 1 3  ? -0.675  -3.988  12.445  1.00 12.26 ? 2    MET A CA  1 
ATOM   17  C C   . MET A 1 3  ? -0.511  -5.351  13.132  1.00 12.12 ? 2    MET A C   1 
ATOM   18  O O   . MET A 1 3  ? 0.434   -5.554  13.911  1.00 11.64 ? 2    MET A O   1 
ATOM   19  C CB  . MET A 1 3  ? 0.235   -3.900  11.211  1.00 12.98 ? 2    MET A CB  1 
ATOM   20  C CG  . MET A 1 3  ? 1.727   -3.978  11.512  1.00 13.78 ? 2    MET A CG  1 
ATOM   21  S SD  . MET A 1 3  ? 2.758   -4.057  10.031  1.00 14.94 ? 2    MET A SD  1 
ATOM   22  C CE  . MET A 1 3  ? 4.213   -4.861  10.674  1.00 15.06 ? 2    MET A CE  1 
ATOM   23  N N   . PHE A 1 4  ? -1.422  -6.277  12.827  1.00 11.85 ? 3    PHE A N   1 
ATOM   24  C CA  . PHE A 1 4  ? -1.325  -7.662  13.322  1.00 11.82 ? 3    PHE A CA  1 
ATOM   25  C C   . PHE A 1 4  ? -0.415  -8.485  12.415  1.00 11.63 ? 3    PHE A C   1 
ATOM   26  O O   . PHE A 1 4  ? -0.669  -8.583  11.211  1.00 11.69 ? 3    PHE A O   1 
ATOM   27  C CB  . PHE A 1 4  ? -2.706  -8.327  13.370  1.00 11.91 ? 3    PHE A CB  1 
ATOM   28  C CG  . PHE A 1 4  ? -3.571  -7.876  14.513  1.00 12.16 ? 3    PHE A CG  1 
ATOM   29  C CD1 . PHE A 1 4  ? -4.128  -6.598  14.533  1.00 12.37 ? 3    PHE A CD1 1 
ATOM   30  C CD2 . PHE A 1 4  ? -3.862  -8.744  15.557  1.00 12.47 ? 3    PHE A CD2 1 
ATOM   31  C CE1 . PHE A 1 4  ? -4.944  -6.194  15.586  1.00 12.60 ? 3    PHE A CE1 1 
ATOM   32  C CE2 . PHE A 1 4  ? -4.679  -8.348  16.609  1.00 12.56 ? 3    PHE A CE2 1 
ATOM   33  C CZ  . PHE A 1 4  ? -5.215  -7.069  16.626  1.00 12.73 ? 3    PHE A CZ  1 
ATOM   34  N N   . GLY A 1 5  ? 0.629   -9.085  12.987  1.00 11.47 ? 4    GLY A N   1 
ATOM   35  C CA  . GLY A 1 5  ? 1.561   -9.932  12.233  1.00 11.42 ? 4    GLY A CA  1 
ATOM   36  C C   . GLY A 1 5  ? 2.202   -9.239  11.043  1.00 11.10 ? 4    GLY A C   1 
ATOM   37  O O   . GLY A 1 5  ? 2.853   -8.207  11.207  1.00 11.28 ? 4    GLY A O   1 
ATOM   38  N N   . ASN A 1 6  ? 2.006   -9.805  9.850   1.00 11.04 ? 5    ASN A N   1 
ATOM   39  C CA  . ASN A 1 6  ? 2.482   -9.190  8.601   1.00 11.11 ? 5    ASN A CA  1 
ATOM   40  C C   . ASN A 1 6  ? 1.573   -8.082  8.023   1.00 10.98 ? 5    ASN A C   1 
ATOM   41  O O   . ASN A 1 6  ? 1.876   -7.524  6.966   1.00 10.72 ? 5    ASN A O   1 
ATOM   42  C CB  . ASN A 1 6  ? 2.787   -10.262 7.539   1.00 11.55 ? 5    ASN A CB  1 
ATOM   43  C CG  . ASN A 1 6  ? 1.536   -10.959 7.003   1.00 11.99 ? 5    ASN A CG  1 
ATOM   44  O OD1 . ASN A 1 6  ? 0.398   -10.542 7.240   1.00 12.03 ? 5    ASN A OD1 1 
ATOM   45  N ND2 . ASN A 1 6  ? 1.753   -12.044 6.261   1.00 12.51 ? 5    ASN A ND2 1 
ATOM   46  N N   . GLY A 1 7  ? 0.462   -7.786  8.699   1.00 10.74 ? 6    GLY A N   1 
ATOM   47  C CA  . GLY A 1 7  ? -0.412  -6.652  8.335   1.00 10.76 ? 6    GLY A CA  1 
ATOM   48  C C   . GLY A 1 7  ? -1.342  -6.820  7.136   1.00 10.67 ? 6    GLY A C   1 
ATOM   49  O O   . GLY A 1 7  ? -1.865  -5.838  6.598   1.00 10.16 ? 6    GLY A O   1 
ATOM   50  N N   . LYS A 1 8  ? -1.561  -8.060  6.715   1.00 11.06 ? 7    LYS A N   1 
ATOM   51  C CA  . LYS A 1 8  ? -2.491  -8.346  5.622   1.00 11.62 ? 7    LYS A CA  1 
ATOM   52  C C   . LYS A 1 8  ? -3.922  -7.829  5.925   1.00 11.14 ? 7    LYS A C   1 
ATOM   53  O O   . LYS A 1 8  ? -4.665  -7.407  5.024   1.00 11.41 ? 7    LYS A O   1 
ATOM   54  C CB  . LYS A 1 8  ? -2.485  -9.848  5.342   1.00 12.96 ? 7    LYS A CB  1 
ATOM   55  C CG  . LYS A 1 8  ? -2.698  -10.194 3.888   1.00 14.76 ? 7    LYS A CG  1 
ATOM   56  C CD  . LYS A 1 8  ? -2.545  -11.689 3.654   1.00 16.29 ? 7    LYS A CD  1 
ATOM   57  C CE  . LYS A 1 8  ? -3.733  -12.221 2.871   1.00 17.28 ? 7    LYS A CE  1 
ATOM   58  N NZ  . LYS A 1 8  ? -3.992  -11.418 1.639   1.00 18.63 ? 7    LYS A NZ  1 
ATOM   59  N N   . GLY A 1 9  ? -4.284  -7.836  7.204   1.00 10.39 ? 8    GLY A N   1 
ATOM   60  C CA  . GLY A 1 9  ? -5.588  -7.354  7.644   1.00 10.09 ? 8    GLY A CA  1 
ATOM   61  C C   . GLY A 1 9  ? -5.633  -5.892  8.067   1.00 9.67  ? 8    GLY A C   1 
ATOM   62  O O   . GLY A 1 9  ? -6.666  -5.423  8.540   1.00 9.69  ? 8    GLY A O   1 
ATOM   63  N N   . TYR A 1 10 ? -4.528  -5.163  7.904   1.00 9.59  ? 9    TYR A N   1 
ATOM   64  C CA  . TYR A 1 10 ? -4.498  -3.734  8.261   1.00 9.52  ? 9    TYR A CA  1 
ATOM   65  C C   . TYR A 1 10 ? -5.428  -2.926  7.347   1.00 9.69  ? 9    TYR A C   1 
ATOM   66  O O   . TYR A 1 10 ? -5.343  -3.033  6.118   1.00 9.37  ? 9    TYR A O   1 
ATOM   67  C CB  . TYR A 1 10 ? -3.057  -3.188  8.214   1.00 9.41  ? 9    TYR A CB  1 
ATOM   68  C CG  . TYR A 1 10 ? -2.929  -1.685  8.388   1.00 9.49  ? 9    TYR A CG  1 
ATOM   69  C CD1 . TYR A 1 10 ? -2.936  -1.104  9.659   1.00 9.53  ? 9    TYR A CD1 1 
ATOM   70  C CD2 . TYR A 1 10 ? -2.784  -0.845  7.282   1.00 9.56  ? 9    TYR A CD2 1 
ATOM   71  C CE1 . TYR A 1 10 ? -2.810  0.271   9.825   1.00 9.79  ? 9    TYR A CE1 1 
ATOM   72  C CE2 . TYR A 1 10 ? -2.663  0.530   7.438   1.00 9.67  ? 9    TYR A CE2 1 
ATOM   73  C CZ  . TYR A 1 10 ? -2.675  1.085   8.714   1.00 9.74  ? 9    TYR A CZ  1 
ATOM   74  O OH  . TYR A 1 10 ? -2.546  2.453   8.884   1.00 9.97  ? 9    TYR A OH  1 
ATOM   75  N N   . ARG A 1 11 ? -6.323  -2.140  7.959   1.00 9.98  ? 10   ARG A N   1 
ATOM   76  C CA  . ARG A 1 11 ? -7.258  -1.275  7.226   1.00 10.20 ? 10   ARG A CA  1 
ATOM   77  C C   . ARG A 1 11 ? -7.223  0.176   7.738   1.00 10.46 ? 10   ARG A C   1 
ATOM   78  O O   . ARG A 1 11 ? -8.229  0.894   7.663   1.00 10.42 ? 10   ARG A O   1 
ATOM   79  C CB  . ARG A 1 11 ? -8.700  -1.830  7.269   1.00 10.25 ? 10   ARG A CB  1 
ATOM   80  C CG  . ARG A 1 11 ? -8.910  -3.184  6.594   1.00 10.13 ? 10   ARG A CG  1 
ATOM   81  C CD  . ARG A 1 11 ? -8.676  -3.133  5.084   1.00 10.11 ? 10   ARG A CD  1 
ATOM   82  N NE  . ARG A 1 11 ? -8.999  -4.404  4.437   1.00 10.48 ? 10   ARG A NE  1 
ATOM   83  C CZ  . ARG A 1 11 ? -8.147  -5.414  4.282   1.00 10.53 ? 10   ARG A CZ  1 
ATOM   84  N NH1 . ARG A 1 11 ? -6.901  -5.309  4.716   1.00 10.68 ? 10   ARG A NH1 1 
ATOM   85  N NH2 . ARG A 1 11 ? -8.544  -6.536  3.685   1.00 10.77 ? 10   ARG A NH2 1 
ATOM   86  N N   . GLY A 1 12 ? -6.062  0.600   8.236   1.00 10.45 ? 11   GLY A N   1 
ATOM   87  C CA  . GLY A 1 12 ? -5.859  1.993   8.688   1.00 10.93 ? 11   GLY A CA  1 
ATOM   88  C C   . GLY A 1 12 ? -5.701  3.010   7.565   1.00 10.99 ? 11   GLY A C   1 
ATOM   89  O O   . GLY A 1 12 ? -5.875  2.690   6.388   1.00 10.75 ? 11   GLY A O   1 
ATOM   90  N N   . LYS A 1 13 ? -5.370  4.248   7.929   1.00 11.29 ? 12   LYS A N   1 
ATOM   91  C CA  . LYS A 1 13 ? -5.335  5.339   6.952   1.00 11.69 ? 12   LYS A CA  1 
ATOM   92  C C   . LYS A 1 13 ? -3.933  5.888   6.640   1.00 11.25 ? 12   LYS A C   1 
ATOM   93  O O   . LYS A 1 13 ? -3.812  6.932   5.985   1.00 10.82 ? 12   LYS A O   1 
ATOM   94  C CB  . LYS A 1 13 ? -6.282  6.467   7.376   1.00 12.70 ? 12   LYS A CB  1 
ATOM   95  C CG  . LYS A 1 13 ? -7.754  6.098   7.217   1.00 14.00 ? 12   LYS A CG  1 
ATOM   96  C CD  . LYS A 1 13 ? -8.690  7.229   7.598   1.00 15.10 ? 12   LYS A CD  1 
ATOM   97  C CE  . LYS A 1 13 ? -10.082 6.983   7.031   1.00 15.78 ? 12   LYS A CE  1 
ATOM   98  N NZ  . LYS A 1 13 ? -10.553 5.563   7.117   1.00 16.21 ? 12   LYS A NZ  1 
ATOM   99  N N   . LYS A 1 14 ? -2.883  5.186   7.075   1.00 10.92 ? 13   LYS A N   1 
ATOM   100 C CA  . LYS A 1 14 ? -1.509  5.591   6.727   1.00 10.70 ? 13   LYS A CA  1 
ATOM   101 C C   . LYS A 1 14 ? -1.385  5.668   5.206   1.00 10.17 ? 13   LYS A C   1 
ATOM   102 O O   . LYS A 1 14 ? -1.798  4.741   4.496   1.00 9.71  ? 13   LYS A O   1 
ATOM   103 C CB  . LYS A 1 14 ? -0.469  4.621   7.294   1.00 11.45 ? 13   LYS A CB  1 
ATOM   104 C CG  . LYS A 1 14 ? 0.950   5.187   7.378   1.00 12.03 ? 13   LYS A CG  1 
ATOM   105 C CD  . LYS A 1 14 ? 1.132   6.010   8.649   1.00 12.62 ? 13   LYS A CD  1 
ATOM   106 C CE  . LYS A 1 14 ? 2.589   6.346   8.901   1.00 13.64 ? 13   LYS A CE  1 
ATOM   107 N NZ  . LYS A 1 14 ? 2.751   7.032   10.214  1.00 13.98 ? 13   LYS A NZ  1 
ATOM   108 N N   . ALA A 1 15 ? -0.828  6.773   4.712   1.00 9.75  ? 14   ALA A N   1 
ATOM   109 C CA  . ALA A 1 15 ? -0.780  7.040   3.268   1.00 9.61  ? 14   ALA A CA  1 
ATOM   110 C C   . ALA A 1 15 ? 0.556   7.636   2.798   1.00 9.46  ? 14   ALA A C   1 
ATOM   111 O O   . ALA A 1 15 ? 0.613   8.331   1.776   1.00 9.47  ? 14   ALA A O   1 
ATOM   112 C CB  . ALA A 1 15 ? -1.955  7.929   2.859   1.00 9.67  ? 14   ALA A CB  1 
ATOM   113 N N   . THR A 1 16 ? 1.624   7.357   3.551   1.00 9.17  ? 15   THR A N   1 
ATOM   114 C CA  . THR A 1 16 ? 2.999   7.705   3.163   1.00 8.74  ? 15   THR A CA  1 
ATOM   115 C C   . THR A 1 16 ? 3.896   6.489   3.368   1.00 8.68  ? 15   THR A C   1 
ATOM   116 O O   . THR A 1 16 ? 3.569   5.598   4.156   1.00 8.60  ? 15   THR A O   1 
ATOM   117 C CB  . THR A 1 16 ? 3.576   8.884   3.985   1.00 8.89  ? 15   THR A CB  1 
ATOM   118 O OG1 . THR A 1 16 ? 3.390   8.633   5.389   1.00 8.90  ? 15   THR A OG1 1 
ATOM   119 C CG2 . THR A 1 16 ? 2.891   10.213  3.618   1.00 8.85  ? 15   THR A CG2 1 
ATOM   120 N N   . THR A 1 17 ? 5.027   6.456   2.662   1.00 8.45  ? 16   THR A N   1 
ATOM   121 C CA  . THR A 1 17 ? 6.025   5.395   2.832   1.00 8.07  ? 16   THR A CA  1 
ATOM   122 C C   . THR A 1 17 ? 6.898   5.657   4.070   1.00 8.04  ? 16   THR A C   1 
ATOM   123 O O   . THR A 1 17 ? 6.769   6.705   4.718   1.00 7.96  ? 16   THR A O   1 
ATOM   124 C CB  . THR A 1 17 ? 6.956   5.268   1.601   1.00 8.05  ? 16   THR A CB  1 
ATOM   125 O OG1 . THR A 1 17 ? 7.906   6.350   1.589   1.00 7.97  ? 16   THR A OG1 1 
ATOM   126 C CG2 . THR A 1 17 ? 6.148   5.241   0.289   1.00 7.85  ? 16   THR A CG2 1 
ATOM   127 N N   . VAL A 1 18 ? 7.798   4.714   4.355   1.00 8.04  ? 17   VAL A N   1 
ATOM   128 C CA  . VAL A 1 18 ? 8.749   4.798   5.493   1.00 8.10  ? 17   VAL A CA  1 
ATOM   129 C C   . VAL A 1 18 ? 9.577   6.106   5.511   1.00 8.51  ? 17   VAL A C   1 
ATOM   130 O O   . VAL A 1 18 ? 9.912   6.625   6.585   1.00 8.36  ? 17   VAL A O   1 
ATOM   131 C CB  . VAL A 1 18 ? 9.666   3.536   5.567   1.00 8.02  ? 17   VAL A CB  1 
ATOM   132 C CG1 . VAL A 1 18 ? 10.526  3.370   4.313   1.00 7.85  ? 17   VAL A CG1 1 
ATOM   133 C CG2 . VAL A 1 18 ? 10.522  3.546   6.826   1.00 7.82  ? 17   VAL A CG2 1 
ATOM   134 N N   . THR A 1 19 ? 9.885   6.629   4.323   1.00 8.88  ? 18   THR A N   1 
ATOM   135 C CA  . THR A 1 19 ? 10.689  7.852   4.170   1.00 9.23  ? 18   THR A CA  1 
ATOM   136 C C   . THR A 1 19 ? 9.830   9.122   4.119   1.00 9.33  ? 18   THR A C   1 
ATOM   137 O O   . THR A 1 19 ? 10.369  10.233  4.054   1.00 9.42  ? 18   THR A O   1 
ATOM   138 C CB  . THR A 1 19 ? 11.565  7.796   2.892   1.00 9.52  ? 18   THR A CB  1 
ATOM   139 O OG1 . THR A 1 19 ? 10.736  7.924   1.727   1.00 9.84  ? 18   THR A OG1 1 
ATOM   140 C CG2 . THR A 1 19 ? 12.348  6.488   2.819   1.00 9.72  ? 18   THR A CG2 1 
ATOM   141 N N   . GLY A 1 20 ? 8.506   8.956   4.136   1.00 9.14  ? 19   GLY A N   1 
ATOM   142 C CA  . GLY A 1 20 ? 7.566   10.091  4.044   1.00 9.23  ? 19   GLY A CA  1 
ATOM   143 C C   . GLY A 1 20 ? 6.989   10.390  2.653   1.00 9.13  ? 19   GLY A C   1 
ATOM   144 O O   . GLY A 1 20 ? 6.101   11.246  2.516   1.00 9.26  ? 19   GLY A O   1 
ATOM   145 N N   . THR A 1 21 ? 7.475   9.701   1.618   1.00 8.91  ? 20   THR A N   1 
ATOM   146 C CA  . THR A 1 21 ? 6.912   9.852   0.256   1.00 8.81  ? 20   THR A CA  1 
ATOM   147 C C   . THR A 1 21 ? 5.381   9.568   0.225   1.00 8.69  ? 20   THR A C   1 
ATOM   148 O O   . THR A 1 21 ? 4.945   8.543   0.739   1.00 8.31  ? 20   THR A O   1 
ATOM   149 C CB  . THR A 1 21 ? 7.644   8.932   -0.754  1.00 8.97  ? 20   THR A CB  1 
ATOM   150 O OG1 . THR A 1 21 ? 9.058   9.180   -0.697  1.00 9.34  ? 20   THR A OG1 1 
ATOM   151 C CG2 . THR A 1 21 ? 7.149   9.173   -2.193  1.00 8.98  ? 20   THR A CG2 1 
ATOM   152 N N   . PRO A 1 22 ? 4.570   10.474  -0.387  1.00 8.78  ? 21   PRO A N   1 
ATOM   153 C CA  . PRO A 1 22 ? 3.121   10.194  -0.542  1.00 8.86  ? 21   PRO A CA  1 
ATOM   154 C C   . PRO A 1 22 ? 2.843   8.943   -1.386  1.00 8.75  ? 21   PRO A C   1 
ATOM   155 O O   . PRO A 1 22 ? 3.544   8.697   -2.374  1.00 8.95  ? 21   PRO A O   1 
ATOM   156 C CB  . PRO A 1 22 ? 2.570   11.436  -1.268  1.00 8.84  ? 21   PRO A CB  1 
ATOM   157 C CG  . PRO A 1 22 ? 3.655   12.456  -1.260  1.00 9.01  ? 21   PRO A CG  1 
ATOM   158 C CD  . PRO A 1 22 ? 4.962   11.771  -0.976  1.00 8.92  ? 21   PRO A CD  1 
ATOM   159 N N   . CYS A 1 23 ? 1.830   8.169   -0.997  1.00 8.51  ? 22   CYS A N   1 
ATOM   160 C CA  . CYS A 1 23 ? 1.396   6.994   -1.763  1.00 8.44  ? 22   CYS A CA  1 
ATOM   161 C C   . CYS A 1 23 ? 0.543   7.362   -2.994  1.00 8.62  ? 22   CYS A C   1 
ATOM   162 O O   . CYS A 1 23 ? -0.233  8.327   -2.954  1.00 8.79  ? 22   CYS A O   1 
ATOM   163 C CB  . CYS A 1 23 ? 0.586   6.063   -0.864  1.00 8.22  ? 22   CYS A CB  1 
ATOM   164 S SG  . CYS A 1 23 ? 1.507   5.261   0.475   1.00 8.09  ? 22   CYS A SG  1 
ATOM   165 N N   . GLN A 1 24 ? 0.680   6.591   -4.073  1.00 8.87  ? 23   GLN A N   1 
ATOM   166 C CA  . GLN A 1 24 ? -0.197  6.706   -5.256  1.00 9.09  ? 23   GLN A CA  1 
ATOM   167 C C   . GLN A 1 24 ? -1.525  5.972   -4.979  1.00 9.50  ? 23   GLN A C   1 
ATOM   168 O O   . GLN A 1 24 ? -1.537  4.954   -4.280  1.00 9.20  ? 23   GLN A O   1 
ATOM   169 C CB  . GLN A 1 24 ? 0.506   6.116   -6.498  1.00 9.08  ? 23   GLN A CB  1 
ATOM   170 C CG  . GLN A 1 24 ? -0.346  6.027   -7.769  1.00 8.91  ? 23   GLN A CG  1 
ATOM   171 C CD  . GLN A 1 24 ? 0.354   5.319   -8.929  1.00 8.98  ? 23   GLN A CD  1 
ATOM   172 O OE1 . GLN A 1 24 ? 1.522   5.581   -9.223  1.00 8.85  ? 23   GLN A OE1 1 
ATOM   173 N NE2 . GLN A 1 24 ? -0.367  4.427   -9.603  1.00 9.02  ? 23   GLN A NE2 1 
ATOM   174 N N   . GLU A 1 25 ? -2.642  6.477   -5.509  1.00 10.09 ? 24   GLU A N   1 
ATOM   175 C CA  . GLU A 1 25 ? -3.927  5.765   -5.337  1.00 10.85 ? 24   GLU A CA  1 
ATOM   176 C C   . GLU A 1 25 ? -3.940  4.435   -6.110  1.00 10.20 ? 24   GLU A C   1 
ATOM   177 O O   . GLU A 1 25 ? -3.434  4.373   -7.222  1.00 10.09 ? 24   GLU A O   1 
ATOM   178 C CB  . GLU A 1 25 ? -5.125  6.649   -5.705  1.00 12.63 ? 24   GLU A CB  1 
ATOM   179 C CG  . GLU A 1 25 ? -5.060  8.044   -5.084  1.00 15.06 ? 24   GLU A CG  1 
ATOM   180 C CD  . GLU A 1 25 ? -6.262  8.417   -4.229  1.00 17.69 ? 24   GLU A CD  1 
ATOM   181 O OE1 . GLU A 1 25 ? -7.326  7.770   -4.356  1.00 19.33 ? 24   GLU A OE1 1 
ATOM   182 O OE2 . GLU A 1 25 ? -6.139  9.370   -3.405  1.00 19.51 ? 24   GLU A OE2 1 
ATOM   183 N N   . TRP A 1 26 ? -4.495  3.380   -5.503  1.00 9.51  ? 25   TRP A N   1 
ATOM   184 C CA  . TRP A 1 26 ? -4.506  2.020   -6.091  1.00 9.18  ? 25   TRP A CA  1 
ATOM   185 C C   . TRP A 1 26 ? -5.219  1.965   -7.449  1.00 9.28  ? 25   TRP A C   1 
ATOM   186 O O   . TRP A 1 26 ? -4.843  1.174   -8.332  1.00 9.07  ? 25   TRP A O   1 
ATOM   187 C CB  . TRP A 1 26 ? -5.127  0.988   -5.118  1.00 8.87  ? 25   TRP A CB  1 
ATOM   188 C CG  . TRP A 1 26 ? -4.350  0.823   -3.814  1.00 8.55  ? 25   TRP A CG  1 
ATOM   189 C CD1 . TRP A 1 26 ? -4.613  1.446   -2.619  1.00 8.48  ? 25   TRP A CD1 1 
ATOM   190 C CD2 . TRP A 1 26 ? -3.186  0.005   -3.589  1.00 8.38  ? 25   TRP A CD2 1 
ATOM   191 N NE1 . TRP A 1 26 ? -3.685  1.065   -1.670  1.00 8.33  ? 25   TRP A NE1 1 
ATOM   192 C CE2 . TRP A 1 26 ? -2.796  0.189   -2.241  1.00 8.36  ? 25   TRP A CE2 1 
ATOM   193 C CE3 . TRP A 1 26 ? -2.433  -0.866  -4.398  1.00 8.38  ? 25   TRP A CE3 1 
ATOM   194 C CZ2 . TRP A 1 26 ? -1.685  -0.470  -1.679  1.00 8.31  ? 25   TRP A CZ2 1 
ATOM   195 C CZ3 . TRP A 1 26 ? -1.326  -1.516  -3.842  1.00 8.34  ? 25   TRP A CZ3 1 
ATOM   196 C CH2 . TRP A 1 26 ? -0.965  -1.314  -2.494  1.00 8.35  ? 25   TRP A CH2 1 
ATOM   197 N N   . ALA A 1 27 ? -6.236  2.811   -7.600  1.00 9.43  ? 26   ALA A N   1 
ATOM   198 C CA  . ALA A 1 27 ? -7.037  2.900   -8.831  1.00 9.76  ? 26   ALA A CA  1 
ATOM   199 C C   . ALA A 1 27 ? -6.326  3.692   -9.928  1.00 9.98  ? 26   ALA A C   1 
ATOM   200 O O   . ALA A 1 27 ? -6.640  3.518   -11.113 1.00 9.97  ? 26   ALA A O   1 
ATOM   201 C CB  . ALA A 1 27 ? -8.412  3.505   -8.537  1.00 9.94  ? 26   ALA A CB  1 
ATOM   202 N N   . ALA A 1 28 ? -5.383  4.550   -9.529  1.00 10.00 ? 27   ALA A N   1 
ATOM   203 C CA  . ALA A 1 28 ? -4.594  5.369   -10.460 1.00 10.14 ? 27   ALA A CA  1 
ATOM   204 C C   . ALA A 1 28 ? -3.588  4.547   -11.264 1.00 10.12 ? 27   ALA A C   1 
ATOM   205 O O   . ALA A 1 28 ? -3.101  3.502   -10.806 1.00 9.64  ? 27   ALA A O   1 
ATOM   206 C CB  . ALA A 1 28 ? -3.887  6.501   -9.721  1.00 10.21 ? 27   ALA A CB  1 
ATOM   207 N N   . GLN A 1 29 ? -3.299  5.031   -12.472 1.00 10.48 ? 28   GLN A N   1 
ATOM   208 C CA  . GLN A 1 29 ? -2.328  4.420   -13.377 1.00 10.80 ? 28   GLN A CA  1 
ATOM   209 C C   . GLN A 1 29 ? -1.201  5.411   -13.695 1.00 11.14 ? 28   GLN A C   1 
ATOM   210 O O   . GLN A 1 29 ? -0.435  5.224   -14.650 1.00 10.87 ? 28   GLN A O   1 
ATOM   211 C CB  . GLN A 1 29 ? -3.024  3.952   -14.668 1.00 10.91 ? 28   GLN A CB  1 
ATOM   212 C CG  . GLN A 1 29 ? -4.005  2.782   -14.485 1.00 11.18 ? 28   GLN A CG  1 
ATOM   213 C CD  . GLN A 1 29 ? -3.316  1.462   -14.162 1.00 11.39 ? 28   GLN A CD  1 
ATOM   214 O OE1 . GLN A 1 29 ? -2.198  1.193   -14.617 1.00 11.40 ? 28   GLN A OE1 1 
ATOM   215 N NE2 . GLN A 1 29 ? -3.988  0.624   -13.378 1.00 11.66 ? 28   GLN A NE2 1 
ATOM   216 N N   . GLU A 1 30 ? -1.139  6.479   -12.902 1.00 11.79 ? 29   GLU A N   1 
ATOM   217 C CA  . GLU A 1 30 ? -0.092  7.503   -12.971 1.00 12.43 ? 29   GLU A CA  1 
ATOM   218 C C   . GLU A 1 30 ? 0.292   7.884   -11.526 1.00 11.60 ? 29   GLU A C   1 
ATOM   219 O O   . GLU A 1 30 ? -0.591  7.972   -10.674 1.00 11.46 ? 29   GLU A O   1 
ATOM   220 C CB  . GLU A 1 30 ? -0.579  8.765   -13.711 1.00 14.07 ? 29   GLU A CB  1 
ATOM   221 C CG  . GLU A 1 30 ? -1.236  8.549   -15.077 1.00 16.82 ? 29   GLU A CG  1 
ATOM   222 C CD  . GLU A 1 30 ? -2.733  8.214   -15.013 1.00 18.69 ? 29   GLU A CD  1 
ATOM   223 O OE1 . GLU A 1 30 ? -3.323  8.167   -13.897 1.00 19.97 ? 29   GLU A OE1 1 
ATOM   224 O OE2 . GLU A 1 30 ? -3.338  7.997   -16.098 1.00 20.97 ? 29   GLU A OE2 1 
ATOM   225 N N   . PRO A 1 31 ? 1.596   8.114   -11.243 1.00 10.84 ? 30   PRO A N   1 
ATOM   226 C CA  . PRO A 1 31 ? 2.754   8.046   -12.150 1.00 10.81 ? 30   PRO A CA  1 
ATOM   227 C C   . PRO A 1 31 ? 3.223   6.629   -12.519 1.00 10.58 ? 30   PRO A C   1 
ATOM   228 O O   . PRO A 1 31 ? 4.128   6.491   -13.354 1.00 10.72 ? 30   PRO A O   1 
ATOM   229 C CB  . PRO A 1 31 ? 3.850   8.789   -11.371 1.00 10.70 ? 30   PRO A CB  1 
ATOM   230 C CG  . PRO A 1 31 ? 3.487   8.622   -9.947  1.00 10.70 ? 30   PRO A CG  1 
ATOM   231 C CD  . PRO A 1 31 ? 1.983   8.661   -9.925  1.00 10.81 ? 30   PRO A CD  1 
ATOM   232 N N   . HIS A 1 32 ? 2.604   5.593   -11.942 1.00 10.07 ? 31   HIS A N   1 
ATOM   233 C CA  . HIS A 1 32 ? 2.979   4.204   -12.249 1.00 10.08 ? 31   HIS A CA  1 
ATOM   234 C C   . HIS A 1 32 ? 1.850   3.364   -12.831 1.00 10.54 ? 31   HIS A C   1 
ATOM   235 O O   . HIS A 1 32 ? 0.783   3.207   -12.218 1.00 10.36 ? 31   HIS A O   1 
ATOM   236 C CB  . HIS A 1 32 ? 3.557   3.485   -11.012 1.00 9.66  ? 31   HIS A CB  1 
ATOM   237 C CG  . HIS A 1 32 ? 4.745   4.175   -10.418 1.00 9.43  ? 31   HIS A CG  1 
ATOM   238 N ND1 . HIS A 1 32 ? 5.941   4.313   -11.092 1.00 9.26  ? 31   HIS A ND1 1 
ATOM   239 C CD2 . HIS A 1 32 ? 4.922   4.763   -9.209  1.00 9.11  ? 31   HIS A CD2 1 
ATOM   240 C CE1 . HIS A 1 32 ? 6.795   4.974   -10.331 1.00 9.20  ? 31   HIS A CE1 1 
ATOM   241 N NE2 . HIS A 1 32 ? 6.202   5.261   -9.186  1.00 9.03  ? 31   HIS A NE2 1 
ATOM   242 N N   . ARG A 1 33 ? 2.105   2.807   -14.011 1.00 11.29 ? 32   ARG A N   1 
ATOM   243 C CA  . ARG A 1 33 ? 1.185   1.857   -14.627 1.00 11.87 ? 32   ARG A CA  1 
ATOM   244 C C   . ARG A 1 33 ? 1.325   0.507   -13.936 1.00 11.41 ? 32   ARG A C   1 
ATOM   245 O O   . ARG A 1 33 ? 2.440   0.092   -13.600 1.00 11.14 ? 32   ARG A O   1 
ATOM   246 C CB  . ARG A 1 33 ? 1.471   1.728   -16.127 1.00 13.35 ? 32   ARG A CB  1 
ATOM   247 C CG  . ARG A 1 33 ? 1.007   2.931   -16.934 1.00 15.71 ? 32   ARG A CG  1 
ATOM   248 C CD  . ARG A 1 33 ? 0.952   2.664   -18.437 1.00 17.79 ? 32   ARG A CD  1 
ATOM   249 N NE  . ARG A 1 33 ? 0.189   1.469   -18.806 1.00 19.61 ? 32   ARG A NE  1 
ATOM   250 C CZ  . ARG A 1 33 ? 0.735   0.315   -19.196 1.00 20.78 ? 32   ARG A CZ  1 
ATOM   251 N NH1 . ARG A 1 33 ? 2.061   0.176   -19.253 1.00 21.82 ? 32   ARG A NH1 1 
ATOM   252 N NH2 . ARG A 1 33 ? -0.042  -0.712  -19.527 1.00 21.41 ? 32   ARG A NH2 1 
ATOM   253 N N   . HIS A 1 34 ? 0.197   -0.164  -13.696 1.00 10.85 ? 33   HIS A N   1 
ATOM   254 C CA  . HIS A 1 34 ? 0.216   -1.495  -13.104 1.00 10.90 ? 33   HIS A CA  1 
ATOM   255 C C   . HIS A 1 34 ? -1.001  -2.334  -13.500 1.00 11.50 ? 33   HIS A C   1 
ATOM   256 O O   . HIS A 1 34 ? -2.144  -1.892  -13.374 1.00 11.78 ? 33   HIS A O   1 
ATOM   257 C CB  . HIS A 1 34 ? 0.364   -1.414  -11.573 1.00 10.30 ? 33   HIS A CB  1 
ATOM   258 C CG  . HIS A 1 34 ? -0.746  -0.675  -10.892 1.00 9.82  ? 33   HIS A CG  1 
ATOM   259 N ND1 . HIS A 1 34 ? -1.661  -1.302  -10.071 1.00 9.57  ? 33   HIS A ND1 1 
ATOM   260 C CD2 . HIS A 1 34 ? -1.094  0.634   -10.914 1.00 9.59  ? 33   HIS A CD2 1 
ATOM   261 C CE1 . HIS A 1 34 ? -2.522  -0.409  -9.614  1.00 9.53  ? 33   HIS A CE1 1 
ATOM   262 N NE2 . HIS A 1 34 ? -2.200  0.773   -10.112 1.00 9.69  ? 33   HIS A NE2 1 
ATOM   263 N N   . SER A 1 35 ? -0.737  -3.542  -13.988 1.00 12.29 ? 34   SER A N   1 
ATOM   264 C CA  . SER A 1 35 ? -1.782  -4.468  -14.395 1.00 13.08 ? 34   SER A CA  1 
ATOM   265 C C   . SER A 1 35 ? -2.283  -5.306  -13.216 1.00 13.44 ? 34   SER A C   1 
ATOM   266 O O   . SER A 1 35 ? -3.361  -5.899  -13.288 1.00 14.19 ? 34   SER A O   1 
ATOM   267 C CB  . SER A 1 35 ? -1.279  -5.383  -15.515 1.00 13.20 ? 34   SER A CB  1 
ATOM   268 O OG  . SER A 1 35 ? -0.279  -6.269  -15.035 1.00 13.85 ? 34   SER A OG  1 
ATOM   269 N N   . THR A 1 36 ? -1.493  -5.366  -12.146 1.00 13.24 ? 35   THR A N   1 
ATOM   270 C CA  . THR A 1 36 ? -1.865  -6.130  -10.949 1.00 13.06 ? 35   THR A CA  1 
ATOM   271 C C   . THR A 1 36 ? -2.208  -5.192  -9.788  1.00 12.35 ? 35   THR A C   1 
ATOM   272 O O   . THR A 1 36 ? -1.887  -4.007  -9.838  1.00 11.91 ? 35   THR A O   1 
ATOM   273 C CB  . THR A 1 36 ? -0.754  -7.118  -10.528 1.00 13.64 ? 35   THR A CB  1 
ATOM   274 O OG1 . THR A 1 36 ? 0.403   -6.397  -10.081 1.00 14.47 ? 35   THR A OG1 1 
ATOM   275 C CG2 . THR A 1 36 ? -0.370  -8.020  -11.699 1.00 14.46 ? 35   THR A CG2 1 
ATOM   276 N N   . PHE A 1 37 ? -2.848  -5.735  -8.751  1.00 11.68 ? 36   PHE A N   1 
ATOM   277 C CA  . PHE A 1 37 ? -3.251  -4.963  -7.564  1.00 11.39 ? 36   PHE A CA  1 
ATOM   278 C C   . PHE A 1 37 ? -4.140  -3.757  -7.927  1.00 11.56 ? 36   PHE A C   1 
ATOM   279 O O   . PHE A 1 37 ? -3.866  -2.628  -7.514  1.00 11.64 ? 36   PHE A O   1 
ATOM   280 C CB  . PHE A 1 37 ? -2.030  -4.531  -6.711  1.00 10.95 ? 36   PHE A CB  1 
ATOM   281 C CG  . PHE A 1 37 ? -1.062  -5.653  -6.373  1.00 10.72 ? 36   PHE A CG  1 
ATOM   282 C CD1 . PHE A 1 37 ? -1.476  -6.768  -5.642  1.00 10.50 ? 36   PHE A CD1 1 
ATOM   283 C CD2 . PHE A 1 37 ? 0.280   -5.575  -6.758  1.00 10.60 ? 36   PHE A CD2 1 
ATOM   284 C CE1 . PHE A 1 37 ? -0.581  -7.786  -5.322  1.00 10.56 ? 36   PHE A CE1 1 
ATOM   285 C CE2 . PHE A 1 37 ? 1.183   -6.593  -6.442  1.00 10.44 ? 36   PHE A CE2 1 
ATOM   286 C CZ  . PHE A 1 37 ? 0.751   -7.703  -5.727  1.00 10.41 ? 36   PHE A CZ  1 
ATOM   287 N N   . ILE A 1 38 ? -5.203  -4.007  -8.695  1.00 11.82 ? 37   ILE A N   1 
ATOM   288 C CA  . ILE A 1 38 ? -6.203  -2.969  -9.014  1.00 11.90 ? 37   ILE A CA  1 
ATOM   289 C C   . ILE A 1 38 ? -7.530  -3.243  -8.280  1.00 11.89 ? 37   ILE A C   1 
ATOM   290 O O   . ILE A 1 38 ? -7.975  -4.390  -8.219  1.00 11.55 ? 37   ILE A O   1 
ATOM   291 C CB  . ILE A 1 38 ? -6.425  -2.787  -10.539 1.00 12.18 ? 37   ILE A CB  1 
ATOM   292 C CG1 . ILE A 1 38 ? -6.661  -4.129  -11.245 1.00 12.55 ? 37   ILE A CG1 1 
ATOM   293 C CG2 . ILE A 1 38 ? -5.248  -2.048  -11.172 1.00 11.98 ? 37   ILE A CG2 1 
ATOM   294 C CD1 . ILE A 1 38 ? -7.076  -3.991  -12.702 1.00 12.97 ? 37   ILE A CD1 1 
ATOM   295 N N   . PRO A 1 39 ? -8.153  -2.198  -7.694  1.00 12.03 ? 38   PRO A N   1 
ATOM   296 C CA  . PRO A 1 39 ? -9.398  -2.399  -6.925  1.00 12.40 ? 38   PRO A CA  1 
ATOM   297 C C   . PRO A 1 39 ? -10.593 -2.890  -7.750  1.00 13.06 ? 38   PRO A C   1 
ATOM   298 O O   . PRO A 1 39 ? -11.496 -3.518  -7.203  1.00 13.65 ? 38   PRO A O   1 
ATOM   299 C CB  . PRO A 1 39 ? -9.691  -1.017  -6.324  1.00 12.38 ? 38   PRO A CB  1 
ATOM   300 C CG  . PRO A 1 39 ? -8.801  -0.059  -7.034  1.00 12.21 ? 38   PRO A CG  1 
ATOM   301 C CD  . PRO A 1 39 ? -7.635  -0.824  -7.575  1.00 12.20 ? 38   PRO A CD  1 
ATOM   302 N N   . GLY A 1 40 ? -10.588 -2.607  -9.048  1.00 13.85 ? 39   GLY A N   1 
ATOM   303 C CA  . GLY A 1 40 ? -11.621 -3.077  -9.960  1.00 14.68 ? 39   GLY A CA  1 
ATOM   304 C C   . GLY A 1 40 ? -11.859 -4.578  -9.906  1.00 14.83 ? 39   GLY A C   1 
ATOM   305 O O   . GLY A 1 40 ? -13.008 -5.022  -9.958  1.00 15.68 ? 39   GLY A O   1 
ATOM   306 N N   . THR A 1 41 ? -10.775 -5.347  -9.797  1.00 14.44 ? 40   THR A N   1 
ATOM   307 C CA  . THR A 1 41 ? -10.834 -6.816  -9.827  1.00 14.58 ? 40   THR A CA  1 
ATOM   308 C C   . THR A 1 41 ? -10.385 -7.505  -8.527  1.00 14.93 ? 40   THR A C   1 
ATOM   309 O O   . THR A 1 41 ? -10.676 -8.685  -8.321  1.00 15.03 ? 40   THR A O   1 
ATOM   310 C CB  . THR A 1 41 ? -9.974  -7.382  -10.967 1.00 14.32 ? 40   THR A CB  1 
ATOM   311 O OG1 . THR A 1 41 ? -8.633  -6.914  -10.805 1.00 13.95 ? 40   THR A OG1 1 
ATOM   312 C CG2 . THR A 1 41 ? -10.507 -6.943  -12.325 1.00 14.38 ? 40   THR A CG2 1 
ATOM   313 N N   . ASN A 1 42 ? -9.644  -6.798  -7.674  1.00 15.70 ? 41   ASN A N   1 
ATOM   314 C CA  . ASN A 1 42 ? -9.353  -7.311  -6.324  1.00 16.24 ? 41   ASN A CA  1 
ATOM   315 C C   . ASN A 1 42 ? -10.221 -6.580  -5.313  1.00 16.66 ? 41   ASN A C   1 
ATOM   316 O O   . ASN A 1 42 ? -9.934  -5.438  -4.947  1.00 17.73 ? 41   ASN A O   1 
ATOM   317 C CB  . ASN A 1 42 ? -7.861  -7.194  -5.969  1.00 16.79 ? 41   ASN A CB  1 
ATOM   318 C CG  . ASN A 1 42 ? -7.494  -7.891  -4.647  1.00 17.49 ? 41   ASN A CG  1 
ATOM   319 O OD1 . ASN A 1 42 ? -8.325  -8.059  -3.737  1.00 17.73 ? 41   ASN A OD1 1 
ATOM   320 N ND2 . ASN A 1 42 ? -6.232  -8.282  -4.531  1.00 17.48 ? 41   ASN A ND2 1 
ATOM   321 N N   . LYS A 1 43 ? -11.289 -7.245  -4.878  1.00 16.89 ? 42   LYS A N   1 
ATOM   322 C CA  . LYS A 1 43 ? -12.307 -6.639  -4.022  1.00 16.71 ? 42   LYS A CA  1 
ATOM   323 C C   . LYS A 1 43 ? -12.127 -6.991  -2.542  1.00 15.96 ? 42   LYS A C   1 
ATOM   324 O O   . LYS A 1 43 ? -12.928 -6.563  -1.710  1.00 16.09 ? 42   LYS A O   1 
ATOM   325 C CB  . LYS A 1 43 ? -13.708 -7.083  -4.465  1.00 17.83 ? 42   LYS A CB  1 
ATOM   326 C CG  . LYS A 1 43 ? -13.975 -7.001  -5.964  1.00 19.62 ? 42   LYS A CG  1 
ATOM   327 C CD  . LYS A 1 43 ? -15.451 -7.254  -6.254  1.00 20.70 ? 42   LYS A CD  1 
ATOM   328 C CE  . LYS A 1 43 ? -15.803 -6.958  -7.703  1.00 22.09 ? 42   LYS A CE  1 
ATOM   329 N NZ  . LYS A 1 43 ? -15.303 -8.019  -8.622  1.00 23.07 ? 42   LYS A NZ  1 
ATOM   330 N N   . TRP A 1 44 ? -11.080 -7.756  -2.215  1.00 15.04 ? 43   TRP A N   1 
ATOM   331 C CA  . TRP A 1 44 ? -10.949 -8.383  -0.879  1.00 13.95 ? 43   TRP A CA  1 
ATOM   332 C C   . TRP A 1 44 ? -9.730  -7.951  -0.045  1.00 13.52 ? 43   TRP A C   1 
ATOM   333 O O   . TRP A 1 44 ? -9.581  -8.365  1.114   1.00 13.84 ? 43   TRP A O   1 
ATOM   334 C CB  . TRP A 1 44 ? -11.019 -9.923  -1.016  1.00 13.95 ? 43   TRP A CB  1 
ATOM   335 C CG  . TRP A 1 44 ? -12.076 -10.328 -2.018  1.00 13.98 ? 43   TRP A CG  1 
ATOM   336 C CD1 . TRP A 1 44 ? -13.417 -10.482 -1.787  1.00 13.85 ? 43   TRP A CD1 1 
ATOM   337 C CD2 . TRP A 1 44 ? -11.880 -10.560 -3.419  1.00 13.79 ? 43   TRP A CD2 1 
ATOM   338 N NE1 . TRP A 1 44 ? -14.067 -10.813 -2.959  1.00 13.91 ? 43   TRP A NE1 1 
ATOM   339 C CE2 . TRP A 1 44 ? -13.145 -10.867 -3.975  1.00 13.95 ? 43   TRP A CE2 1 
ATOM   340 C CE3 . TRP A 1 44 ? -10.754 -10.548 -4.257  1.00 13.62 ? 43   TRP A CE3 1 
ATOM   341 C CZ2 . TRP A 1 44 ? -13.314 -11.156 -5.335  1.00 14.06 ? 43   TRP A CZ2 1 
ATOM   342 C CZ3 . TRP A 1 44 ? -10.924 -10.837 -5.610  1.00 13.96 ? 43   TRP A CZ3 1 
ATOM   343 C CH2 . TRP A 1 44 ? -12.193 -11.137 -6.132  1.00 14.03 ? 43   TRP A CH2 1 
ATOM   344 N N   . ALA A 1 45 ? -8.874  -7.110  -0.616  1.00 12.45 ? 44   ALA A N   1 
ATOM   345 C CA  . ALA A 1 45 ? -7.639  -6.697  0.053   1.00 11.77 ? 44   ALA A CA  1 
ATOM   346 C C   . ALA A 1 45 ? -7.707  -5.270  0.617   1.00 11.20 ? 44   ALA A C   1 
ATOM   347 O O   . ALA A 1 45 ? -6.723  -4.772  1.173   1.00 11.31 ? 44   ALA A O   1 
ATOM   348 C CB  . ALA A 1 45 ? -6.456  -6.840  -0.894  1.00 11.82 ? 44   ALA A CB  1 
ATOM   349 N N   . GLY A 1 46 ? -8.866  -4.628  0.488   1.00 10.68 ? 45   GLY A N   1 
ATOM   350 C CA  . GLY A 1 46 ? -9.038  -3.246  0.962   1.00 10.25 ? 45   GLY A CA  1 
ATOM   351 C C   . GLY A 1 46 ? -8.209  -2.232  0.192   1.00 9.90  ? 45   GLY A C   1 
ATOM   352 O O   . GLY A 1 46 ? -7.664  -1.287  0.767   1.00 9.82  ? 45   GLY A O   1 
ATOM   353 N N   . LEU A 1 47 ? -8.134  -2.406  -1.122  1.00 9.75  ? 46   LEU A N   1 
ATOM   354 C CA  . LEU A 1 47 ? -7.380  -1.480  -1.961  1.00 9.37  ? 46   LEU A CA  1 
ATOM   355 C C   . LEU A 1 47 ? -8.150  -0.156  -2.145  1.00 9.36  ? 46   LEU A C   1 
ATOM   356 O O   . LEU A 1 47 ? -8.796  0.067   -3.172  1.00 9.48  ? 46   LEU A O   1 
ATOM   357 C CB  . LEU A 1 47 ? -6.982  -2.152  -3.294  1.00 9.42  ? 46   LEU A CB  1 
ATOM   358 C CG  . LEU A 1 47 ? -6.113  -3.429  -3.176  1.00 9.38  ? 46   LEU A CG  1 
ATOM   359 C CD1 . LEU A 1 47 ? -5.591  -3.874  -4.536  1.00 9.31  ? 46   LEU A CD1 1 
ATOM   360 C CD2 . LEU A 1 47 ? -4.949  -3.263  -2.193  1.00 9.47  ? 46   LEU A CD2 1 
ATOM   361 N N   . GLU A 1 48 ? -8.038  0.713   -1.135  1.00 8.96  ? 47   GLU A N   1 
ATOM   362 C CA  . GLU A 1 48 ? -8.907  1.871   -0.940  1.00 9.17  ? 47   GLU A CA  1 
ATOM   363 C C   . GLU A 1 48 ? -8.098  3.164   -0.999  1.00 8.96  ? 47   GLU A C   1 
ATOM   364 O O   . GLU A 1 48 ? -7.047  3.251   -0.371  1.00 8.84  ? 47   GLU A O   1 
ATOM   365 C CB  . GLU A 1 48 ? -9.598  1.761   0.430   1.00 9.29  ? 47   GLU A CB  1 
ATOM   366 C CG  . GLU A 1 48 ? -10.460 0.509   0.591   1.00 9.58  ? 47   GLU A CG  1 
ATOM   367 C CD  . GLU A 1 48 ? -10.604 0.005   2.032   1.00 9.89  ? 47   GLU A CD  1 
ATOM   368 O OE1 . GLU A 1 48 ? -9.892  0.475   2.965   1.00 10.00 ? 47   GLU A OE1 1 
ATOM   369 O OE2 . GLU A 1 48 ? -11.461 -0.890  2.232   1.00 9.95  ? 47   GLU A OE2 1 
ATOM   370 N N   . LYS A 1 49 ? -8.595  4.149   -1.754  1.00 8.76  ? 48   LYS A N   1 
ATOM   371 C CA  . LYS A 1 49 ? -7.917  5.439   -1.965  1.00 8.76  ? 48   LYS A CA  1 
ATOM   372 C C   . LYS A 1 49 ? -6.401  5.246   -2.197  1.00 8.43  ? 48   LYS A C   1 
ATOM   373 O O   . LYS A 1 49 ? -6.030  4.502   -3.111  1.00 8.27  ? 48   LYS A O   1 
ATOM   374 C CB  . LYS A 1 49 ? -8.239  6.431   -0.829  1.00 9.18  ? 48   LYS A CB  1 
ATOM   375 C CG  . LYS A 1 49 ? -9.740  6.579   -0.595  1.00 9.70  ? 48   LYS A CG  1 
ATOM   376 C CD  . LYS A 1 49 ? -10.144 7.988   -0.214  1.00 10.18 ? 48   LYS A CD  1 
ATOM   377 C CE  . LYS A 1 49 ? -11.656 8.080   -0.067  1.00 10.47 ? 48   LYS A CE  1 
ATOM   378 N NZ  . LYS A 1 49 ? -12.182 9.278   -0.767  1.00 11.01 ? 48   LYS A NZ  1 
ATOM   379 N N   . ASN A 1 50 ? -5.548  5.874   -1.377  1.00 8.24  ? 49   ASN A N   1 
ATOM   380 C CA  . ASN A 1 50 ? -4.085  5.656   -1.417  1.00 8.09  ? 49   ASN A CA  1 
ATOM   381 C C   . ASN A 1 50 ? -3.473  5.095   -0.104  1.00 8.17  ? 49   ASN A C   1 
ATOM   382 O O   . ASN A 1 50 ? -2.341  5.438   0.248   1.00 8.04  ? 49   ASN A O   1 
ATOM   383 C CB  . ASN A 1 50 ? -3.347  6.938   -1.868  1.00 8.04  ? 49   ASN A CB  1 
ATOM   384 C CG  . ASN A 1 50 ? -3.395  8.060   -0.828  1.00 7.97  ? 49   ASN A CG  1 
ATOM   385 O OD1 . ASN A 1 50 ? -4.290  8.112   0.016   1.00 8.01  ? 49   ASN A OD1 1 
ATOM   386 N ND2 . ASN A 1 50 ? -2.413  8.958   -0.884  1.00 7.99  ? 49   ASN A ND2 1 
ATOM   387 N N   . TYR A 1 51 ? -4.218  4.236   0.602   1.00 8.17  ? 50   TYR A N   1 
ATOM   388 C CA  . TYR A 1 51 ? -3.792  3.732   1.923   1.00 8.15  ? 50   TYR A CA  1 
ATOM   389 C C   . TYR A 1 51 ? -2.812  2.548   1.852   1.00 7.94  ? 50   TYR A C   1 
ATOM   390 O O   . TYR A 1 51 ? -2.926  1.696   0.967   1.00 7.81  ? 50   TYR A O   1 
ATOM   391 C CB  . TYR A 1 51 ? -4.998  3.334   2.786   1.00 8.73  ? 50   TYR A CB  1 
ATOM   392 C CG  . TYR A 1 51 ? -6.061  4.416   2.992   1.00 9.21  ? 50   TYR A CG  1 
ATOM   393 C CD1 . TYR A 1 51 ? -5.707  5.723   3.324   1.00 9.48  ? 50   TYR A CD1 1 
ATOM   394 C CD2 . TYR A 1 51 ? -7.429  4.115   2.870   1.00 9.48  ? 50   TYR A CD2 1 
ATOM   395 C CE1 . TYR A 1 51 ? -6.674  6.706   3.522   1.00 9.92  ? 50   TYR A CE1 1 
ATOM   396 C CE2 . TYR A 1 51 ? -8.402  5.094   3.059   1.00 9.78  ? 50   TYR A CE2 1 
ATOM   397 C CZ  . TYR A 1 51 ? -8.019  6.386   3.386   1.00 10.10 ? 50   TYR A CZ  1 
ATOM   398 O OH  . TYR A 1 51 ? -8.969  7.370   3.595   1.00 10.47 ? 50   TYR A OH  1 
ATOM   399 N N   . CYS A 1 52 ? -1.872  2.491   2.804   1.00 7.42  ? 51   CYS A N   1 
ATOM   400 C CA  . CYS A 1 52 ? -0.887  1.400   2.881   1.00 7.18  ? 51   CYS A CA  1 
ATOM   401 C C   . CYS A 1 52 ? -1.606  0.054   3.092   1.00 7.03  ? 51   CYS A C   1 
ATOM   402 O O   . CYS A 1 52 ? -2.444  -0.071  3.994   1.00 6.91  ? 51   CYS A O   1 
ATOM   403 C CB  . CYS A 1 52 ? 0.138   1.665   4.008   1.00 7.14  ? 51   CYS A CB  1 
ATOM   404 S SG  . CYS A 1 52 ? 1.211   3.125   3.796   1.00 7.05  ? 51   CYS A SG  1 
ATOM   405 N N   . ARG A 1 53 ? -1.294  -0.934  2.249   1.00 6.97  ? 52   ARG A N   1 
ATOM   406 C CA  . ARG A 1 53 ? -1.952  -2.263  2.300   1.00 6.93  ? 52   ARG A CA  1 
ATOM   407 C C   . ARG A 1 53 ? -0.950  -3.408  2.017   1.00 7.09  ? 52   ARG A C   1 
ATOM   408 O O   . ARG A 1 53 ? 0.179   -3.164  1.562   1.00 7.21  ? 52   ARG A O   1 
ATOM   409 C CB  . ARG A 1 53 ? -3.166  -2.325  1.331   1.00 6.84  ? 52   ARG A CB  1 
ATOM   410 C CG  . ARG A 1 53 ? -4.344  -1.379  1.632   1.00 6.78  ? 52   ARG A CG  1 
ATOM   411 C CD  . ARG A 1 53 ? -5.139  -1.796  2.877   1.00 6.60  ? 52   ARG A CD  1 
ATOM   412 N NE  . ARG A 1 53 ? -6.245  -0.878  3.189   1.00 6.51  ? 52   ARG A NE  1 
ATOM   413 C CZ  . ARG A 1 53 ? -6.207  0.119   4.079   1.00 6.48  ? 52   ARG A CZ  1 
ATOM   414 N NH1 . ARG A 1 53 ? -5.122  0.376   4.802   1.00 6.44  ? 52   ARG A NH1 1 
ATOM   415 N NH2 . ARG A 1 53 ? -7.290  0.866   4.276   1.00 6.46  ? 52   ARG A NH2 1 
ATOM   416 N N   . ASN A 1 54 ? -1.347  -4.650  2.285   1.00 7.15  ? 53   ASN A N   1 
ATOM   417 C CA  . ASN A 1 54 ? -0.474  -5.808  2.005   1.00 7.30  ? 53   ASN A CA  1 
ATOM   418 C C   . ASN A 1 54 ? -1.180  -6.952  1.249   1.00 7.39  ? 53   ASN A C   1 
ATOM   419 O O   . ASN A 1 54 ? -1.326  -8.070  1.784   1.00 7.39  ? 53   ASN A O   1 
ATOM   420 C CB  . ASN A 1 54 ? 0.213   -6.298  3.308   1.00 7.27  ? 53   ASN A CB  1 
ATOM   421 C CG  . ASN A 1 54 ? 1.430   -7.206  3.059   1.00 7.39  ? 53   ASN A CG  1 
ATOM   422 O OD1 . ASN A 1 54 ? 1.894   -7.381  1.932   1.00 7.44  ? 53   ASN A OD1 1 
ATOM   423 N ND2 . ASN A 1 54 ? 1.960   -7.784  4.143   1.00 7.39  ? 53   ASN A ND2 1 
ATOM   424 N N   . PRO A 1 55 ? -1.611  -6.688  -0.011  1.00 7.50  ? 54   PRO A N   1 
ATOM   425 C CA  . PRO A 1 55 ? -2.376  -7.690  -0.775  1.00 7.75  ? 54   PRO A CA  1 
ATOM   426 C C   . PRO A 1 55 ? -1.647  -9.019  -1.038  1.00 7.99  ? 54   PRO A C   1 
ATOM   427 O O   . PRO A 1 55 ? -2.308  -10.047 -1.212  1.00 8.08  ? 54   PRO A O   1 
ATOM   428 C CB  . PRO A 1 55 ? -2.679  -6.984  -2.106  1.00 7.58  ? 54   PRO A CB  1 
ATOM   429 C CG  . PRO A 1 55 ? -1.732  -5.837  -2.181  1.00 7.63  ? 54   PRO A CG  1 
ATOM   430 C CD  . PRO A 1 55 ? -1.434  -5.434  -0.769  1.00 7.50  ? 54   PRO A CD  1 
ATOM   431 N N   . ASP A 1 56 ? -0.313  -8.997  -1.068  1.00 8.29  ? 55   ASP A N   1 
ATOM   432 C CA  . ASP A 1 56 ? 0.472   -10.223 -1.305  1.00 8.61  ? 55   ASP A CA  1 
ATOM   433 C C   . ASP A 1 56 ? 1.071   -10.900 -0.053  1.00 8.79  ? 55   ASP A C   1 
ATOM   434 O O   . ASP A 1 56 ? 1.818   -11.886 -0.177  1.00 8.82  ? 55   ASP A O   1 
ATOM   435 C CB  . ASP A 1 56 ? 1.552   -10.005 -2.392  1.00 8.76  ? 55   ASP A CB  1 
ATOM   436 C CG  . ASP A 1 56 ? 2.583   -8.938  -2.031  1.00 8.82  ? 55   ASP A CG  1 
ATOM   437 O OD1 . ASP A 1 56 ? 2.374   -8.128  -1.095  1.00 9.04  ? 55   ASP A OD1 1 
ATOM   438 O OD2 . ASP A 1 56 ? 3.635   -8.910  -2.711  1.00 8.81  ? 55   ASP A OD2 1 
ATOM   439 N N   . GLY A 1 57 ? 0.752   -10.387 1.133   1.00 8.87  ? 56   GLY A N   1 
ATOM   440 C CA  . GLY A 1 57 ? 1.272   -10.969 2.392   1.00 9.13  ? 56   GLY A CA  1 
ATOM   441 C C   . GLY A 1 57 ? 2.790   -10.998 2.566   1.00 9.29  ? 56   GLY A C   1 
ATOM   442 O O   . GLY A 1 57 ? 3.348   -11.975 3.089   1.00 9.53  ? 56   GLY A O   1 
ATOM   443 N N   . ASP A 1 58 ? 3.458   -9.929  2.124   1.00 9.38  ? 57   ASP A N   1 
ATOM   444 C CA  . ASP A 1 58 ? 4.900   -9.729  2.289   1.00 9.37  ? 57   ASP A CA  1 
ATOM   445 C C   . ASP A 1 58 ? 5.224   -9.680  3.794   1.00 9.35  ? 57   ASP A C   1 
ATOM   446 O O   . ASP A 1 58 ? 4.597   -8.915  4.531   1.00 9.20  ? 57   ASP A O   1 
ATOM   447 C CB  . ASP A 1 58 ? 5.274   -8.401  1.584   1.00 9.35  ? 57   ASP A CB  1 
ATOM   448 C CG  . ASP A 1 58 ? 6.776   -8.192  1.403   1.00 9.39  ? 57   ASP A CG  1 
ATOM   449 O OD1 . ASP A 1 58 ? 7.577   -8.438  2.340   1.00 9.90  ? 57   ASP A OD1 1 
ATOM   450 O OD2 . ASP A 1 58 ? 7.162   -7.710  0.311   1.00 9.27  ? 57   ASP A OD2 1 
ATOM   451 N N   . ILE A 1 59 ? 6.187   -10.491 4.248   1.00 9.24  ? 58   ILE A N   1 
ATOM   452 C CA  . ILE A 1 59 ? 6.613   -10.479 5.671   1.00 9.23  ? 58   ILE A CA  1 
ATOM   453 C C   . ILE A 1 59 ? 7.059   -9.079  6.130   1.00 9.32  ? 58   ILE A C   1 
ATOM   454 O O   . ILE A 1 59 ? 6.876   -8.714  7.299   1.00 9.19  ? 58   ILE A O   1 
ATOM   455 C CB  . ILE A 1 59 ? 7.709   -11.544 6.006   1.00 9.42  ? 58   ILE A CB  1 
ATOM   456 C CG1 . ILE A 1 59 ? 7.933   -11.674 7.526   1.00 9.39  ? 58   ILE A CG1 1 
ATOM   457 C CG2 . ILE A 1 59 ? 9.040   -11.213 5.353   1.00 9.34  ? 58   ILE A CG2 1 
ATOM   458 C CD1 . ILE A 1 59 ? 6.759   -12.252 8.292   1.00 9.48  ? 58   ILE A CD1 1 
ATOM   459 N N   . ASN A 1 60 ? 7.631   -8.303  5.210   1.00 9.26  ? 59   ASN A N   1 
ATOM   460 C CA  . ASN A 1 60 ? 8.061   -6.938  5.532   1.00 9.45  ? 59   ASN A CA  1 
ATOM   461 C C   . ASN A 1 60 ? 6.915   -5.971  5.900   1.00 9.34  ? 59   ASN A C   1 
ATOM   462 O O   . ASN A 1 60 ? 7.169   -4.903  6.478   1.00 9.55  ? 59   ASN A O   1 
ATOM   463 C CB  . ASN A 1 60 ? 8.962   -6.364  4.423   1.00 9.47  ? 59   ASN A CB  1 
ATOM   464 C CG  . ASN A 1 60 ? 10.345  -7.000  4.395   1.00 9.78  ? 59   ASN A CG  1 
ATOM   465 O OD1 . ASN A 1 60 ? 10.962  -7.228  5.438   1.00 10.02 ? 59   ASN A OD1 1 
ATOM   466 N ND2 . ASN A 1 60 ? 10.842  -7.280  3.198   1.00 9.70  ? 59   ASN A ND2 1 
ATOM   467 N N   . GLY A 1 61 ? 5.669   -6.340  5.582   1.00 9.08  ? 60   GLY A N   1 
ATOM   468 C CA  . GLY A 1 61 ? 4.478   -5.569  5.997   1.00 8.70  ? 60   GLY A CA  1 
ATOM   469 C C   . GLY A 1 61 ? 3.823   -4.693  4.924   1.00 8.38  ? 60   GLY A C   1 
ATOM   470 O O   . GLY A 1 61 ? 4.211   -4.747  3.759   1.00 8.45  ? 60   GLY A O   1 
ATOM   471 N N   . PRO A 1 62 ? 2.816   -3.878  5.314   1.00 8.35  ? 61   PRO A N   1 
ATOM   472 C CA  . PRO A 1 62 ? 2.071   -3.028  4.371   1.00 8.22  ? 61   PRO A CA  1 
ATOM   473 C C   . PRO A 1 62 ? 2.954   -2.055  3.574   1.00 8.20  ? 61   PRO A C   1 
ATOM   474 O O   . PRO A 1 62 ? 3.988   -1.584  4.071   1.00 8.38  ? 61   PRO A O   1 
ATOM   475 C CB  . PRO A 1 62 ? 1.100   -2.266  5.271   1.00 8.23  ? 61   PRO A CB  1 
ATOM   476 C CG  . PRO A 1 62 ? 0.916   -3.160  6.449   1.00 8.22  ? 61   PRO A CG  1 
ATOM   477 C CD  . PRO A 1 62 ? 2.262   -3.785  6.675   1.00 8.18  ? 61   PRO A CD  1 
ATOM   478 N N   . TRP A 1 63 ? 2.524   -1.773  2.340   1.00 8.13  ? 62   TRP A N   1 
ATOM   479 C CA  . TRP A 1 63 ? 3.305   -1.019  1.354   1.00 7.88  ? 62   TRP A CA  1 
ATOM   480 C C   . TRP A 1 63 ? 2.363   -0.233  0.421   1.00 7.71  ? 62   TRP A C   1 
ATOM   481 O O   . TRP A 1 63 ? 1.142   -0.358  0.529   1.00 7.60  ? 62   TRP A O   1 
ATOM   482 C CB  . TRP A 1 63 ? 4.218   -1.983  0.560   1.00 7.94  ? 62   TRP A CB  1 
ATOM   483 C CG  . TRP A 1 63 ? 3.483   -3.107  -0.148  1.00 8.04  ? 62   TRP A CG  1 
ATOM   484 C CD1 . TRP A 1 63 ? 3.156   -4.335  0.371   1.00 8.13  ? 62   TRP A CD1 1 
ATOM   485 C CD2 . TRP A 1 63 ? 2.964   -3.093  -1.488  1.00 8.12  ? 62   TRP A CD2 1 
ATOM   486 N NE1 . TRP A 1 63 ? 2.479   -5.085  -0.565  1.00 8.24  ? 62   TRP A NE1 1 
ATOM   487 C CE2 . TRP A 1 63 ? 2.348   -4.348  -1.713  1.00 8.19  ? 62   TRP A CE2 1 
ATOM   488 C CE3 . TRP A 1 63 ? 2.969   -2.147  -2.521  1.00 8.23  ? 62   TRP A CE3 1 
ATOM   489 C CZ2 . TRP A 1 63 ? 1.746   -4.683  -2.933  1.00 8.27  ? 62   TRP A CZ2 1 
ATOM   490 C CZ3 . TRP A 1 63 ? 2.363   -2.481  -3.740  1.00 8.33  ? 62   TRP A CZ3 1 
ATOM   491 C CH2 . TRP A 1 63 ? 1.764   -3.738  -3.931  1.00 8.23  ? 62   TRP A CH2 1 
ATOM   492 N N   . CYS A 1 64 ? 2.922   0.604   -0.456  1.00 7.44  ? 63   CYS A N   1 
ATOM   493 C CA  . CYS A 1 64 ? 2.139   1.301   -1.485  1.00 7.48  ? 63   CYS A CA  1 
ATOM   494 C C   . CYS A 1 64 ? 2.976   1.642   -2.724  1.00 7.42  ? 63   CYS A C   1 
ATOM   495 O O   . CYS A 1 64 ? 4.199   1.694   -2.639  1.00 7.46  ? 63   CYS A O   1 
ATOM   496 C CB  . CYS A 1 64 ? 1.497   2.572   -0.908  1.00 7.71  ? 63   CYS A CB  1 
ATOM   497 S SG  . CYS A 1 64 ? 2.672   3.878   -0.466  1.00 7.77  ? 63   CYS A SG  1 
ATOM   498 N N   . TYR A 1 65 ? 2.322   1.856   -3.871  1.00 7.39  ? 64   TYR A N   1 
ATOM   499 C CA  . TYR A 1 65 ? 2.984   2.471   -5.025  1.00 7.43  ? 64   TYR A CA  1 
ATOM   500 C C   . TYR A 1 65 ? 3.343   3.911   -4.621  1.00 7.74  ? 64   TYR A C   1 
ATOM   501 O O   . TYR A 1 65 ? 2.544   4.572   -3.958  1.00 7.61  ? 64   TYR A O   1 
ATOM   502 C CB  . TYR A 1 65 ? 2.062   2.478   -6.258  1.00 7.23  ? 64   TYR A CB  1 
ATOM   503 C CG  . TYR A 1 65 ? 1.749   1.107   -6.841  1.00 7.12  ? 64   TYR A CG  1 
ATOM   504 C CD1 . TYR A 1 65 ? 2.609   0.514   -7.772  1.00 7.08  ? 64   TYR A CD1 1 
ATOM   505 C CD2 . TYR A 1 65 ? 0.590   0.412   -6.474  1.00 7.05  ? 64   TYR A CD2 1 
ATOM   506 C CE1 . TYR A 1 65 ? 2.336   -0.734  -8.312  1.00 7.16  ? 64   TYR A CE1 1 
ATOM   507 C CE2 . TYR A 1 65 ? 0.300   -0.845  -7.018  1.00 7.12  ? 64   TYR A CE2 1 
ATOM   508 C CZ  . TYR A 1 65 ? 1.180   -1.412  -7.927  1.00 7.15  ? 64   TYR A CZ  1 
ATOM   509 O OH  . TYR A 1 65 ? 0.925   -2.654  -8.478  1.00 7.23  ? 64   TYR A OH  1 
ATOM   510 N N   . THR A 1 66 ? 4.535   4.391   -4.992  1.00 8.25  ? 65   THR A N   1 
ATOM   511 C CA  . THR A 1 66 ? 4.969   5.731   -4.541  1.00 8.92  ? 65   THR A CA  1 
ATOM   512 C C   . THR A 1 66 ? 4.698   6.835   -5.583  1.00 9.50  ? 65   THR A C   1 
ATOM   513 O O   . THR A 1 66 ? 4.602   6.560   -6.785  1.00 9.58  ? 65   THR A O   1 
ATOM   514 C CB  . THR A 1 66 ? 6.457   5.790   -4.084  1.00 8.89  ? 65   THR A CB  1 
ATOM   515 O OG1 . THR A 1 66 ? 7.285   6.264   -5.153  1.00 8.84  ? 65   THR A OG1 1 
ATOM   516 C CG2 . THR A 1 66 ? 6.968   4.431   -3.613  1.00 8.84  ? 65   THR A CG2 1 
ATOM   517 N N   . MET A 1 67 ? 4.594   8.080   -5.117  1.00 10.22 ? 66   MET A N   1 
ATOM   518 C CA  . MET A 1 67 ? 4.439   9.226   -6.018  1.00 11.14 ? 66   MET A CA  1 
ATOM   519 C C   . MET A 1 67 ? 5.752   9.666   -6.686  1.00 11.12 ? 66   MET A C   1 
ATOM   520 O O   . MET A 1 67 ? 5.737   10.574  -7.525  1.00 11.14 ? 66   MET A O   1 
ATOM   521 C CB  . MET A 1 67 ? 3.780   10.418  -5.303  1.00 12.10 ? 66   MET A CB  1 
ATOM   522 C CG  . MET A 1 67 ? 2.289   10.259  -5.024  1.00 13.09 ? 66   MET A CG  1 
ATOM   523 S SD  . MET A 1 67 ? 1.252   10.068  -6.494  1.00 15.77 ? 66   MET A SD  1 
ATOM   524 C CE  . MET A 1 67 ? 1.393   11.693  -7.242  1.00 15.00 ? 66   MET A CE  1 
ATOM   525 N N   . ASN A 1 68 ? 6.871   9.042   -6.305  1.00 11.11 ? 67   ASN A N   1 
ATOM   526 C CA  . ASN A 1 68 ? 8.169   9.248   -6.973  1.00 11.37 ? 67   ASN A CA  1 
ATOM   527 C C   . ASN A 1 68 ? 8.174   8.493   -8.308  1.00 11.25 ? 67   ASN A C   1 
ATOM   528 O O   . ASN A 1 68 ? 8.090   7.257   -8.313  1.00 10.51 ? 67   ASN A O   1 
ATOM   529 C CB  . ASN A 1 68 ? 9.326   8.771   -6.070  1.00 11.75 ? 67   ASN A CB  1 
ATOM   530 C CG  . ASN A 1 68 ? 10.717  8.975   -6.693  1.00 12.27 ? 67   ASN A CG  1 
ATOM   531 O OD1 . ASN A 1 68 ? 10.853  9.347   -7.852  1.00 12.73 ? 67   ASN A OD1 1 
ATOM   532 N ND2 . ASN A 1 68 ? 11.756  8.725   -5.905  1.00 12.87 ? 67   ASN A ND2 1 
ATOM   533 N N   . PRO A 1 69 ? 8.264   9.227   -9.444  1.00 11.58 ? 68   PRO A N   1 
ATOM   534 C CA  . PRO A 1 69 ? 8.167   8.579   -10.768 1.00 11.73 ? 68   PRO A CA  1 
ATOM   535 C C   . PRO A 1 69 ? 9.277   7.556   -11.057 1.00 11.98 ? 68   PRO A C   1 
ATOM   536 O O   . PRO A 1 69 ? 9.097   6.677   -11.901 1.00 11.53 ? 68   PRO A O   1 
ATOM   537 C CB  . PRO A 1 69 ? 8.242   9.755   -11.752 1.00 12.11 ? 68   PRO A CB  1 
ATOM   538 C CG  . PRO A 1 69 ? 8.852   10.882  -10.982 1.00 12.05 ? 68   PRO A CG  1 
ATOM   539 C CD  . PRO A 1 69 ? 8.420   10.694  -9.558  1.00 11.89 ? 68   PRO A CD  1 
ATOM   540 N N   . ARG A 1 70 ? 10.400  7.665   -10.354 1.00 12.27 ? 69   ARG A N   1 
ATOM   541 C CA  . ARG A 1 70 ? 11.516  6.725   -10.531 1.00 13.29 ? 69   ARG A CA  1 
ATOM   542 C C   . ARG A 1 70 ? 11.330  5.426   -9.736  1.00 12.96 ? 69   ARG A C   1 
ATOM   543 O O   . ARG A 1 70 ? 11.842  4.375   -10.141 1.00 13.40 ? 69   ARG A O   1 
ATOM   544 C CB  . ARG A 1 70 ? 12.850  7.397   -10.161 1.00 14.56 ? 69   ARG A CB  1 
ATOM   545 C CG  . ARG A 1 70 ? 14.066  6.477   -10.239 1.00 15.92 ? 69   ARG A CG  1 
ATOM   546 C CD  . ARG A 1 70 ? 15.328  7.065   -9.615  1.00 16.84 ? 69   ARG A CD  1 
ATOM   547 N NE  . ARG A 1 70 ? 15.167  7.412   -8.201  1.00 18.32 ? 69   ARG A NE  1 
ATOM   548 C CZ  . ARG A 1 70 ? 15.435  6.607   -7.174  1.00 19.16 ? 69   ARG A CZ  1 
ATOM   549 N NH1 . ARG A 1 70 ? 15.888  5.372   -7.374  1.00 20.41 ? 69   ARG A NH1 1 
ATOM   550 N NH2 . ARG A 1 70 ? 15.241  7.041   -5.930  1.00 20.01 ? 69   ARG A NH2 1 
ATOM   551 N N   . LYS A 1 71 ? 10.592  5.492   -8.625  1.00 12.55 ? 70   LYS A N   1 
ATOM   552 C CA  . LYS A 1 71 ? 10.513  4.381   -7.659  1.00 12.09 ? 70   LYS A CA  1 
ATOM   553 C C   . LYS A 1 71 ? 9.108   3.761   -7.567  1.00 11.03 ? 70   LYS A C   1 
ATOM   554 O O   . LYS A 1 71 ? 8.172   4.405   -7.076  1.00 10.88 ? 70   LYS A O   1 
ATOM   555 C CB  . LYS A 1 71 ? 10.973  4.859   -6.272  1.00 13.00 ? 70   LYS A CB  1 
ATOM   556 C CG  . LYS A 1 71 ? 11.306  3.744   -5.290  1.00 14.40 ? 70   LYS A CG  1 
ATOM   557 C CD  . LYS A 1 71 ? 11.531  4.287   -3.880  1.00 15.22 ? 70   LYS A CD  1 
ATOM   558 C CE  . LYS A 1 71 ? 11.723  3.174   -2.855  1.00 16.48 ? 70   LYS A CE  1 
ATOM   559 N NZ  . LYS A 1 71 ? 12.799  2.201   -3.223  1.00 17.92 ? 70   LYS A NZ  1 
ATOM   560 N N   . LEU A 1 72 ? 8.978   2.513   -8.033  1.00 9.87  ? 71   LEU A N   1 
ATOM   561 C CA  . LEU A 1 72 ? 7.679   1.816   -8.117  1.00 9.06  ? 71   LEU A CA  1 
ATOM   562 C C   . LEU A 1 72 ? 6.901   1.703   -6.790  1.00 8.79  ? 71   LEU A C   1 
ATOM   563 O O   . LEU A 1 72 ? 5.737   2.116   -6.713  1.00 8.37  ? 71   LEU A O   1 
ATOM   564 C CB  . LEU A 1 72 ? 7.831   0.432   -8.767  1.00 8.79  ? 71   LEU A CB  1 
ATOM   565 C CG  . LEU A 1 72 ? 6.521   -0.332  -9.040  1.00 8.61  ? 71   LEU A CG  1 
ATOM   566 C CD1 . LEU A 1 72 ? 5.740   0.326   -10.169 1.00 8.67  ? 71   LEU A CD1 1 
ATOM   567 C CD2 . LEU A 1 72 ? 6.741   -1.817  -9.332  1.00 8.53  ? 71   LEU A CD2 1 
ATOM   568 N N   . PHE A 1 73 ? 7.541   1.129   -5.765  1.00 8.69  ? 72   PHE A N   1 
ATOM   569 C CA  . PHE A 1 73 ? 6.887   0.898   -4.467  1.00 8.54  ? 72   PHE A CA  1 
ATOM   570 C C   . PHE A 1 73 ? 7.860   1.099   -3.289  1.00 8.39  ? 72   PHE A C   1 
ATOM   571 O O   . PHE A 1 73 ? 9.081   1.109   -3.469  1.00 8.14  ? 72   PHE A O   1 
ATOM   572 C CB  . PHE A 1 73 ? 6.261   -0.520  -4.418  1.00 8.61  ? 72   PHE A CB  1 
ATOM   573 C CG  . PHE A 1 73 ? 7.119   -1.551  -3.722  1.00 8.76  ? 72   PHE A CG  1 
ATOM   574 C CD1 . PHE A 1 73 ? 8.172   -2.172  -4.394  1.00 8.74  ? 72   PHE A CD1 1 
ATOM   575 C CD2 . PHE A 1 73 ? 6.879   -1.902  -2.396  1.00 8.80  ? 72   PHE A CD2 1 
ATOM   576 C CE1 . PHE A 1 73 ? 8.965   -3.108  -3.755  1.00 8.87  ? 72   PHE A CE1 1 
ATOM   577 C CE2 . PHE A 1 73 ? 7.675   -2.837  -1.750  1.00 8.86  ? 72   PHE A CE2 1 
ATOM   578 C CZ  . PHE A 1 73 ? 8.723   -3.444  -2.432  1.00 8.96  ? 72   PHE A CZ  1 
ATOM   579 N N   . ASP A 1 74 ? 7.312   1.277   -2.089  1.00 8.16  ? 73   ASP A N   1 
ATOM   580 C CA  . ASP A 1 74 ? 8.126   1.144   -0.874  1.00 8.14  ? 73   ASP A CA  1 
ATOM   581 C C   . ASP A 1 74 ? 7.251   0.680   0.275   1.00 7.81  ? 73   ASP A C   1 
ATOM   582 O O   . ASP A 1 74 ? 6.026   0.828   0.222   1.00 7.69  ? 73   ASP A O   1 
ATOM   583 C CB  . ASP A 1 74 ? 8.852   2.451   -0.520  1.00 8.42  ? 73   ASP A CB  1 
ATOM   584 C CG  . ASP A 1 74 ? 10.114  2.227   0.351   1.00 8.93  ? 73   ASP A CG  1 
ATOM   585 O OD1 . ASP A 1 74 ? 10.403  1.080   0.782   1.00 8.93  ? 73   ASP A OD1 1 
ATOM   586 O OD2 . ASP A 1 74 ? 10.839  3.218   0.600   1.00 8.93  ? 73   ASP A OD2 1 
ATOM   587 N N   . TYR A 1 75 ? 7.879   0.100   1.306   1.00 7.48  ? 74   TYR A N   1 
ATOM   588 C CA  . TYR A 1 75 ? 7.164   -0.243  2.530   1.00 7.37  ? 74   TYR A CA  1 
ATOM   589 C C   . TYR A 1 75 ? 6.778   0.994   3.342   1.00 7.40  ? 74   TYR A C   1 
ATOM   590 O O   . TYR A 1 75 ? 7.433   2.038   3.258   1.00 7.72  ? 74   TYR A O   1 
ATOM   591 C CB  . TYR A 1 75 ? 7.983   -1.210  3.391   1.00 7.14  ? 74   TYR A CB  1 
ATOM   592 C CG  . TYR A 1 75 ? 8.311   -2.490  2.661   1.00 6.98  ? 74   TYR A CG  1 
ATOM   593 C CD1 . TYR A 1 75 ? 7.352   -3.498  2.510   1.00 6.92  ? 74   TYR A CD1 1 
ATOM   594 C CD2 . TYR A 1 75 ? 9.562   -2.679  2.097   1.00 6.91  ? 74   TYR A CD2 1 
ATOM   595 C CE1 . TYR A 1 75 ? 7.637   -4.669  1.816   1.00 6.90  ? 74   TYR A CE1 1 
ATOM   596 C CE2 . TYR A 1 75 ? 9.864   -3.853  1.408   1.00 6.92  ? 74   TYR A CE2 1 
ATOM   597 C CZ  . TYR A 1 75 ? 8.900   -4.839  1.270   1.00 6.92  ? 74   TYR A CZ  1 
ATOM   598 O OH  . TYR A 1 75 ? 9.204   -6.004  0.580   1.00 7.10  ? 74   TYR A OH  1 
ATOM   599 N N   . CYS A 1 76 ? 5.707   0.862   4.125   1.00 7.37  ? 75   CYS A N   1 
ATOM   600 C CA  . CYS A 1 76 ? 5.307   1.894   5.076   1.00 7.39  ? 75   CYS A CA  1 
ATOM   601 C C   . CYS A 1 76 ? 5.898   1.578   6.463   1.00 7.57  ? 75   CYS A C   1 
ATOM   602 O O   . CYS A 1 76 ? 6.659   0.607   6.614   1.00 7.75  ? 75   CYS A O   1 
ATOM   603 C CB  . CYS A 1 76 ? 3.768   2.052   5.079   1.00 7.18  ? 75   CYS A CB  1 
ATOM   604 S SG  . CYS A 1 76 ? 3.048   2.326   3.419   1.00 7.06  ? 75   CYS A SG  1 
ATOM   605 N N   . ASP A 1 77 ? 5.574   2.400   7.458   1.00 7.81  ? 76   ASP A N   1 
ATOM   606 C CA  . ASP A 1 77 ? 6.142   2.279   8.807   1.00 8.30  ? 76   ASP A CA  1 
ATOM   607 C C   . ASP A 1 77 ? 5.015   2.308   9.836   1.00 8.51  ? 76   ASP A C   1 
ATOM   608 O O   . ASP A 1 77 ? 4.622   3.375   10.324  1.00 8.67  ? 76   ASP A O   1 
ATOM   609 C CB  . ASP A 1 77 ? 7.161   3.407   9.061   1.00 8.57  ? 76   ASP A CB  1 
ATOM   610 C CG  . ASP A 1 77 ? 7.973   3.216   10.345  1.00 8.87  ? 76   ASP A CG  1 
ATOM   611 O OD1 . ASP A 1 77 ? 7.729   2.261   11.118  1.00 9.27  ? 76   ASP A OD1 1 
ATOM   612 O OD2 . ASP A 1 77 ? 8.872   4.039   10.586  1.00 9.19  ? 76   ASP A OD2 1 
ATOM   613 N N   . ILE A 1 78 ? 4.510   1.120   10.160  1.00 8.68  ? 77   ILE A N   1 
ATOM   614 C CA  . ILE A 1 78 ? 3.364   0.946   11.064  1.00 9.26  ? 77   ILE A CA  1 
ATOM   615 C C   . ILE A 1 78 ? 3.818   0.032   12.216  1.00 9.35  ? 77   ILE A C   1 
ATOM   616 O O   . ILE A 1 78 ? 4.471   -0.986  11.975  1.00 9.30  ? 77   ILE A O   1 
ATOM   617 C CB  . ILE A 1 78 ? 2.156   0.359   10.288  1.00 9.47  ? 77   ILE A CB  1 
ATOM   618 C CG1 . ILE A 1 78 ? 1.699   1.349   9.202   1.00 9.64  ? 77   ILE A CG1 1 
ATOM   619 C CG2 . ILE A 1 78 ? 0.978   0.030   11.211  1.00 9.48  ? 77   ILE A CG2 1 
ATOM   620 C CD1 . ILE A 1 78 ? 1.022   0.688   8.027   1.00 10.06 ? 77   ILE A CD1 1 
ATOM   621 N N   . PRO A 1 79 ? 3.499   0.393   13.472  1.00 9.88  ? 78   PRO A N   1 
ATOM   622 C CA  . PRO A 1 79 ? 3.986   -0.453  14.571  1.00 10.07 ? 78   PRO A CA  1 
ATOM   623 C C   . PRO A 1 79 ? 3.229   -1.793  14.707  1.00 10.32 ? 78   PRO A C   1 
ATOM   624 O O   . PRO A 1 79 ? 2.056   -1.879  14.345  1.00 10.41 ? 78   PRO A O   1 
ATOM   625 C CB  . PRO A 1 79 ? 3.780   0.432   15.813  1.00 10.02 ? 78   PRO A CB  1 
ATOM   626 C CG  . PRO A 1 79 ? 2.624   1.307   15.450  1.00 10.20 ? 78   PRO A CG  1 
ATOM   627 C CD  . PRO A 1 79 ? 2.745   1.566   13.965  1.00 9.89  ? 78   PRO A CD  1 
ATOM   628 N N   . LEU A 1 80 ? 3.906   -2.819  15.223  1.00 10.59 ? 79   LEU A N   1 
ATOM   629 C CA  . LEU A 1 80 ? 3.292   -4.138  15.458  1.00 11.14 ? 79   LEU A CA  1 
ATOM   630 C C   . LEU A 1 80 ? 2.385   -4.136  16.699  1.00 11.59 ? 79   LEU A C   1 
ATOM   631 O O   . LEU A 1 80 ? 2.809   -3.698  17.774  1.00 11.41 ? 79   LEU A O   1 
ATOM   632 C CB  . LEU A 1 80 ? 4.390   -5.200  15.614  1.00 11.11 ? 79   LEU A CB  1 
ATOM   633 C CG  . LEU A 1 80 ? 4.051   -6.697  15.675  1.00 10.99 ? 79   LEU A CG  1 
ATOM   634 C CD1 . LEU A 1 80 ? 3.650   -7.233  14.309  1.00 11.00 ? 79   LEU A CD1 1 
ATOM   635 C CD2 . LEU A 1 80 ? 5.248   -7.472  16.214  1.00 11.19 ? 79   LEU A CD2 1 
ATOM   636 N N   . CYS A 1 81 ? 1.151   -4.635  16.554  1.00 12.15 ? 80   CYS A N   1 
ATOM   637 C CA  . CYS A 1 81 ? 0.220   -4.770  17.692  1.00 12.78 ? 80   CYS A CA  1 
ATOM   638 C C   . CYS A 1 81 ? 0.748   -5.773  18.722  1.00 13.04 ? 80   CYS A C   1 
ATOM   639 O O   . CYS A 1 81 ? 1.257   -6.839  18.342  1.00 13.13 ? 80   CYS A O   1 
ATOM   640 C CB  . CYS A 1 81 ? -1.171  -5.230  17.239  1.00 13.35 ? 80   CYS A CB  1 
ATOM   641 S SG  . CYS A 1 81 ? -2.140  -4.128  16.172  1.00 13.74 ? 80   CYS A SG  1 
HETATM 642 O O2  . CPF B 2 .  ? 2.882   -6.553  -13.141 1.00 10.21 ? 1081 CPF A O2  1 
HETATM 643 C C3  . CPF B 2 .  ? 2.875   -5.693  -12.277 1.00 9.70  ? 1081 CPF A C3  1 
HETATM 644 O O1  . CPF B 2 .  ? 2.269   -4.524  -12.556 1.00 10.07 ? 1081 CPF A O1  1 
HETATM 645 C C2  . CPF B 2 .  ? 3.509   -5.913  -10.957 1.00 9.22  ? 1081 CPF A C2  1 
HETATM 646 C C1  . CPF B 2 .  ? 4.008   -7.155  -10.593 1.00 8.98  ? 1081 CPF A C1  1 
HETATM 647 N N1  . CPF B 2 .  ? 4.580   -7.407  -9.391  1.00 8.83  ? 1081 CPF A N1  1 
HETATM 648 C C10 . CPF B 2 .  ? 4.691   -6.431  -8.404  1.00 8.76  ? 1081 CPF A C10 1 
HETATM 649 C C9  . CPF B 2 .  ? 5.244   -6.717  -7.147  1.00 8.83  ? 1081 CPF A C9  1 
HETATM 650 C C8  . CPF B 2 .  ? 5.362   -5.733  -6.158  1.00 8.93  ? 1081 CPF A C8  1 
HETATM 651 N N2  . CPF B 2 .  ? 5.915   -6.039  -4.892  1.00 9.23  ? 1081 CPF A N2  1 
HETATM 652 C C17 . CPF B 2 .  ? 6.296   -7.470  -4.729  1.00 9.39  ? 1081 CPF A C17 1 
HETATM 653 C C16 . CPF B 2 .  ? 6.879   -7.753  -3.326  1.00 9.48  ? 1081 CPF A C16 1 
HETATM 654 N N3  . CPF B 2 .  ? 5.927   -7.298  -2.291  1.00 9.78  ? 1081 CPF A N3  1 
HETATM 655 C C15 . CPF B 2 .  ? 5.622   -5.863  -2.435  1.00 9.52  ? 1081 CPF A C15 1 
HETATM 656 C C14 . CPF B 2 .  ? 4.970   -5.659  -3.812  1.00 9.44  ? 1081 CPF A C14 1 
HETATM 657 C C7  . CPF B 2 .  ? 4.933   -4.421  -6.457  1.00 8.81  ? 1081 CPF A C7  1 
HETATM 658 F F1  . CPF B 2 .  ? 5.050   -3.435  -5.535  1.00 8.63  ? 1081 CPF A F1  1 
HETATM 659 C C6  . CPF B 2 .  ? 4.374   -4.119  -7.677  1.00 8.73  ? 1081 CPF A C6  1 
HETATM 660 C C5  . CPF B 2 .  ? 4.252   -5.107  -8.673  1.00 8.83  ? 1081 CPF A C5  1 
HETATM 661 C C4  . CPF B 2 .  ? 3.635   -4.800  -9.988  1.00 9.03  ? 1081 CPF A C4  1 
HETATM 662 O O3  . CPF B 2 .  ? 3.167   -3.691  -10.240 1.00 8.95  ? 1081 CPF A O3  1 
HETATM 663 C C11 . CPF B 2 .  ? 5.098   -8.763  -9.131  1.00 8.75  ? 1081 CPF A C11 1 
HETATM 664 C C12 . CPF B 2 .  ? 5.781   -9.539  -10.267 1.00 8.73  ? 1081 CPF A C12 1 
HETATM 665 C C13 . CPF B 2 .  ? 6.622   -8.941  -9.142  1.00 8.73  ? 1081 CPF A C13 1 
HETATM 666 S S   . SO4 C 3 .  ? -3.254  5.049   11.196  1.00 40.18 ? 1082 SO4 A S   1 
HETATM 667 O O1  . SO4 C 3 .  ? -2.146  5.647   10.407  1.00 39.47 ? 1082 SO4 A O1  1 
HETATM 668 O O2  . SO4 C 3 .  ? -4.550  5.296   10.513  1.00 39.56 ? 1082 SO4 A O2  1 
HETATM 669 O O3  . SO4 C 3 .  ? -3.053  3.583   11.338  1.00 38.22 ? 1082 SO4 A O3  1 
HETATM 670 O O4  . SO4 C 3 .  ? -3.272  5.691   12.536  1.00 39.88 ? 1082 SO4 A O4  1 
HETATM 671 O O   . HOH D 4 .  ? -5.976  -2.985  15.323  1.00 8.86  ? 2001 HOH A O   1 
HETATM 672 O O   . HOH D 4 .  ? -0.986  5.264   14.747  1.00 22.95 ? 2002 HOH A O   1 
HETATM 673 O O   . HOH D 4 .  ? 0.060   3.677   12.099  1.00 21.76 ? 2003 HOH A O   1 
HETATM 674 O O   . HOH D 4 .  ? -7.144  0.642   11.520  1.00 21.20 ? 2004 HOH A O   1 
HETATM 675 O O   . HOH D 4 .  ? -5.585  -10.688 10.309  1.00 31.98 ? 2005 HOH A O   1 
HETATM 676 O O   . HOH D 4 .  ? -5.090  -3.252  12.699  1.00 9.40  ? 2006 HOH A O   1 
HETATM 677 O O   . HOH D 4 .  ? 1.600   -14.845 8.950   1.00 21.78 ? 2007 HOH A O   1 
HETATM 678 O O   . HOH D 4 .  ? -0.745  -14.471 1.517   1.00 45.72 ? 2008 HOH A O   1 
HETATM 679 O O   . HOH D 4 .  ? 0.853   -8.507  15.929  1.00 11.55 ? 2009 HOH A O   1 
HETATM 680 O O   . HOH D 4 .  ? -3.586  -5.553  10.995  1.00 14.42 ? 2010 HOH A O   1 
HETATM 681 O O   . HOH D 4 .  ? -3.034  -8.898  9.542   1.00 14.73 ? 2011 HOH A O   1 
HETATM 682 O O   . HOH D 4 .  ? 5.641   -7.869  10.894  1.00 21.94 ? 2012 HOH A O   1 
HETATM 683 O O   . HOH D 4 .  ? 4.868   4.484   14.114  1.00 27.38 ? 2013 HOH A O   1 
HETATM 684 O O   . HOH D 4 .  ? 6.618   6.477   13.402  1.00 24.25 ? 2014 HOH A O   1 
HETATM 685 O O   . HOH D 4 .  ? 1.206   12.370  6.809   1.00 36.17 ? 2015 HOH A O   1 
HETATM 686 O O   . HOH D 4 .  ? -0.832  11.447  4.584   1.00 26.49 ? 2016 HOH A O   1 
HETATM 687 O O   . HOH D 4 .  ? 0.500   -12.357 10.007  1.00 20.89 ? 2017 HOH A O   1 
HETATM 688 O O   . HOH D 4 .  ? 4.684   -13.287 5.235   1.00 12.50 ? 2018 HOH A O   1 
HETATM 689 O O   . HOH D 4 .  ? 3.331   -15.013 6.834   1.00 21.87 ? 2019 HOH A O   1 
HETATM 690 O O   . HOH D 4 .  ? -3.456  -4.342  4.523   1.00 7.75  ? 2020 HOH A O   1 
HETATM 691 O O   . HOH D 4 .  ? -4.427  -6.056  2.209   1.00 9.12  ? 2021 HOH A O   1 
HETATM 692 O O   . HOH D 4 .  ? -4.984  -8.792  1.942   1.00 28.37 ? 2022 HOH A O   1 
HETATM 693 O O   . HOH D 4 .  ? -7.217  -9.348  3.708   1.00 35.27 ? 2023 HOH A O   1 
HETATM 694 O O   . HOH D 4 .  ? -2.536  -12.963 -0.117  1.00 32.57 ? 2024 HOH A O   1 
HETATM 695 O O   . HOH D 4 .  ? -5.671  -7.567  11.134  1.00 20.49 ? 2025 HOH A O   1 
HETATM 696 O O   . HOH D 4 .  ? -7.405  7.885   -8.287  1.00 38.35 ? 2026 HOH A O   1 
HETATM 697 O O   . HOH D 4 .  ? -10.589 1.672   5.737   1.00 26.77 ? 2027 HOH A O   1 
HETATM 698 O O   . HOH D 4 .  ? -12.059 -2.726  4.282   1.00 15.22 ? 2028 HOH A O   1 
HETATM 699 O O   . HOH D 4 .  ? -11.644 -5.632  3.167   1.00 20.68 ? 2029 HOH A O   1 
HETATM 700 O O   . HOH D 4 .  ? -4.516  9.381   5.138   1.00 17.58 ? 2030 HOH A O   1 
HETATM 701 O O   . HOH D 4 .  ? 0.596   8.664   10.796  1.00 40.65 ? 2031 HOH A O   1 
HETATM 702 O O   . HOH D 4 .  ? 2.671   4.823   12.060  1.00 33.20 ? 2032 HOH A O   1 
HETATM 703 O O   . HOH D 4 .  ? 5.900   7.012   8.424   1.00 18.94 ? 2033 HOH A O   1 
HETATM 704 O O   . HOH D 4 .  ? 5.213   6.308   11.067  1.00 36.98 ? 2034 HOH A O   1 
HETATM 705 O O   . HOH D 4 .  ? 0.205   8.992   6.318   1.00 17.96 ? 2035 HOH A O   1 
HETATM 706 O O   . HOH D 4 .  ? -0.331  11.067  1.730   1.00 15.07 ? 2036 HOH A O   1 
HETATM 707 O O   . HOH D 4 .  ? 4.764   4.991   6.860   1.00 7.01  ? 2037 HOH A O   1 
HETATM 708 O O   . HOH D 4 .  ? 9.857   5.717   -0.233  1.00 13.78 ? 2038 HOH A O   1 
HETATM 709 O O   . HOH D 4 .  ? -5.123  12.652  1.547   1.00 42.41 ? 2039 HOH A O   1 
HETATM 710 O O   . HOH D 4 .  ? 8.784   6.418   9.142   1.00 8.43  ? 2040 HOH A O   1 
HETATM 711 O O   . HOH D 4 .  ? 3.319   -13.246 -4.160  1.00 31.78 ? 2041 HOH A O   1 
HETATM 712 O O   . HOH D 4 .  ? 2.288   -10.672 -7.315  1.00 22.96 ? 2042 HOH A O   1 
HETATM 713 O O   . HOH D 4 .  ? -0.654  2.302   -3.752  1.00 7.61  ? 2043 HOH A O   1 
HETATM 714 O O   . HOH D 4 .  ? -2.849  8.951   -6.920  1.00 18.40 ? 2044 HOH A O   1 
HETATM 715 O O   . HOH D 4 .  ? -8.745  6.325   -6.364  1.00 23.34 ? 2045 HOH A O   1 
HETATM 716 O O   . HOH D 4 .  ? -7.656  11.359  -1.572  1.00 37.95 ? 2046 HOH A O   1 
HETATM 717 O O   . HOH D 4 .  ? -7.824  3.964   -5.216  1.00 8.24  ? 2047 HOH A O   1 
HETATM 718 O O   . HOH D 4 .  ? 13.472  -2.618  2.513   1.00 40.99 ? 2048 HOH A O   1 
HETATM 719 O O   . HOH D 4 .  ? -1.813  9.866   -9.353  1.00 21.02 ? 2049 HOH A O   1 
HETATM 720 O O   . HOH D 4 .  ? 5.546   8.578   -14.399 1.00 9.67  ? 2050 HOH A O   1 
HETATM 721 O O   . HOH D 4 .  ? 4.455   1.833   -18.462 1.00 12.87 ? 2051 HOH A O   1 
HETATM 722 O O   . HOH D 4 .  ? 3.419   -2.130  -17.303 1.00 37.70 ? 2052 HOH A O   1 
HETATM 723 O O   . HOH D 4 .  ? 2.244   -3.897  -15.756 1.00 35.09 ? 2053 HOH A O   1 
HETATM 724 O O   . HOH D 4 .  ? -4.756  -8.009  -11.552 1.00 23.00 ? 2054 HOH A O   1 
HETATM 725 O O   . HOH D 4 .  ? -6.202  -6.962  -9.255  1.00 15.78 ? 2055 HOH A O   1 
HETATM 726 O O   . HOH D 4 .  ? -3.112  -8.618  -8.987  1.00 20.84 ? 2056 HOH A O   1 
HETATM 727 O O   . HOH D 4 .  ? -4.600  -7.922  -6.923  1.00 20.25 ? 2057 HOH A O   1 
HETATM 728 O O   . HOH D 4 .  ? -12.671 -2.881  -4.873  1.00 24.60 ? 2058 HOH A O   1 
HETATM 729 O O   . HOH D 4 .  ? -9.490  -0.252  -10.964 1.00 28.11 ? 2059 HOH A O   1 
HETATM 730 O O   . HOH D 4 .  ? -12.799 -9.961  -9.653  1.00 17.02 ? 2060 HOH A O   1 
HETATM 731 O O   . HOH D 4 .  ? -7.271  -8.000  -13.124 1.00 12.87 ? 2061 HOH A O   1 
HETATM 732 O O   . HOH D 4 .  ? -9.828  -4.255  -2.460  1.00 20.52 ? 2062 HOH A O   1 
HETATM 733 O O   . HOH D 4 .  ? -5.256  -10.118 -2.345  1.00 31.33 ? 2063 HOH A O   1 
HETATM 734 O O   . HOH D 4 .  ? -11.803 -5.096  0.447   1.00 15.63 ? 2064 HOH A O   1 
HETATM 735 O O   . HOH D 4 .  ? -9.920  2.321   -4.650  1.00 10.58 ? 2065 HOH A O   1 
HETATM 736 O O   . HOH D 4 .  ? -11.841 -1.111  -2.790  1.00 26.36 ? 2066 HOH A O   1 
HETATM 737 O O   . HOH D 4 .  ? -12.466 -2.226  0.068   1.00 13.31 ? 2067 HOH A O   1 
HETATM 738 O O   . HOH D 4 .  ? -11.022 11.647  -0.403  1.00 23.66 ? 2068 HOH A O   1 
HETATM 739 O O   . HOH D 4 .  ? -5.067  9.836   2.099   1.00 22.65 ? 2069 HOH A O   1 
HETATM 740 O O   . HOH D 4 .  ? -2.639  11.936  0.541   1.00 27.17 ? 2070 HOH A O   1 
HETATM 741 O O   . HOH D 4 .  ? -0.630  -13.664 -1.786  1.00 32.37 ? 2071 HOH A O   1 
HETATM 742 O O   . HOH D 4 .  ? 3.995   -10.416 -4.834  1.00 18.43 ? 2072 HOH A O   1 
HETATM 743 O O   . HOH D 4 .  ? 1.547   -14.970 3.365   1.00 39.85 ? 2073 HOH A O   1 
HETATM 744 O O   . HOH D 4 .  ? 3.940   -14.630 1.635   1.00 25.97 ? 2074 HOH A O   1 
HETATM 745 O O   . HOH D 4 .  ? 5.855   -2.380  6.390   1.00 9.45  ? 2075 HOH A O   1 
HETATM 746 O O   . HOH D 4 .  ? 13.694  -7.667  6.140   1.00 19.04 ? 2076 HOH A O   1 
HETATM 747 O O   . HOH D 4 .  ? 13.182  -6.688  1.368   1.00 27.63 ? 2077 HOH A O   1 
HETATM 748 O O   . HOH D 4 .  ? 11.147  -4.204  6.760   1.00 32.58 ? 2078 HOH A O   1 
HETATM 749 O O   . HOH D 4 .  ? 4.752   12.556  -9.242  1.00 28.98 ? 2079 HOH A O   1 
HETATM 750 O O   . HOH D 4 .  ? 14.037  2.471   -10.217 1.00 13.80 ? 2080 HOH A O   1 
HETATM 751 O O   . HOH D 4 .  ? 16.616  3.880   -10.004 1.00 24.50 ? 2081 HOH A O   1 
HETATM 752 O O   . HOH D 4 .  ? 14.390  1.093   -0.687  1.00 35.27 ? 2082 HOH A O   1 
HETATM 753 O O   . HOH D 4 .  ? 11.445  0.715   -8.388  1.00 12.98 ? 2083 HOH A O   1 
HETATM 754 O O   . HOH D 4 .  ? 10.548  -0.090  -5.781  1.00 17.90 ? 2084 HOH A O   1 
HETATM 755 O O   . HOH D 4 .  ? 12.229  0.213   2.820   1.00 12.16 ? 2085 HOH A O   1 
HETATM 756 O O   . HOH D 4 .  ? 12.280  -0.824  -1.049  1.00 32.46 ? 2086 HOH A O   1 
HETATM 757 O O   . HOH D 4 .  ? 13.558  3.264   1.319   1.00 17.42 ? 2087 HOH A O   1 
HETATM 758 O O   . HOH D 4 .  ? 5.208   -1.415  9.079   1.00 16.68 ? 2088 HOH A O   1 
# 
